data_1FYY
# 
_entry.id   1FYY 
# 
_audit_conform.dict_name       mmcif_pdbx.dic 
_audit_conform.dict_version    5.392 
_audit_conform.dict_location   http://mmcif.pdb.org/dictionaries/ascii/mmcif_pdbx.dic 
# 
loop_
_database_2.database_id 
_database_2.database_code 
_database_2.pdbx_database_accession 
_database_2.pdbx_DOI 
PDB   1FYY         pdb_00001fyy 10.2210/pdb1fyy/pdb 
RCSB  RCSB012031   ?            ?                   
WWPDB D_1000012031 ?            ?                   
# 
loop_
_pdbx_audit_revision_history.ordinal 
_pdbx_audit_revision_history.data_content_type 
_pdbx_audit_revision_history.major_revision 
_pdbx_audit_revision_history.minor_revision 
_pdbx_audit_revision_history.revision_date 
1 'Structure model' 1 0 2000-12-06 
2 'Structure model' 1 1 2008-04-27 
3 'Structure model' 1 2 2011-07-13 
4 'Structure model' 1 3 2022-02-23 
5 'Structure model' 1 4 2024-05-22 
# 
_pdbx_audit_revision_details.ordinal             1 
_pdbx_audit_revision_details.revision_ordinal    1 
_pdbx_audit_revision_details.data_content_type   'Structure model' 
_pdbx_audit_revision_details.provider            repository 
_pdbx_audit_revision_details.type                'Initial release' 
_pdbx_audit_revision_details.description         ? 
_pdbx_audit_revision_details.details             ? 
# 
loop_
_pdbx_audit_revision_group.ordinal 
_pdbx_audit_revision_group.revision_ordinal 
_pdbx_audit_revision_group.data_content_type 
_pdbx_audit_revision_group.group 
1 2 'Structure model' 'Version format compliance' 
2 3 'Structure model' 'Version format compliance' 
3 4 'Structure model' 'Data collection'           
4 4 'Structure model' 'Database references'       
5 4 'Structure model' 'Derived calculations'      
6 5 'Structure model' 'Data collection'           
# 
loop_
_pdbx_audit_revision_category.ordinal 
_pdbx_audit_revision_category.revision_ordinal 
_pdbx_audit_revision_category.data_content_type 
_pdbx_audit_revision_category.category 
1 4 'Structure model' database_2            
2 4 'Structure model' pdbx_nmr_software     
3 4 'Structure model' pdbx_struct_assembly  
4 4 'Structure model' pdbx_struct_oper_list 
5 4 'Structure model' struct_conn           
6 4 'Structure model' struct_site           
7 5 'Structure model' chem_comp_atom        
8 5 'Structure model' chem_comp_bond        
# 
loop_
_pdbx_audit_revision_item.ordinal 
_pdbx_audit_revision_item.revision_ordinal 
_pdbx_audit_revision_item.data_content_type 
_pdbx_audit_revision_item.item 
1 4 'Structure model' '_database_2.pdbx_DOI'                
2 4 'Structure model' '_database_2.pdbx_database_accession' 
3 4 'Structure model' '_pdbx_nmr_software.name'             
4 4 'Structure model' '_struct_conn.pdbx_leaving_atom_flag' 
5 4 'Structure model' '_struct_site.pdbx_auth_asym_id'      
6 4 'Structure model' '_struct_site.pdbx_auth_comp_id'      
7 4 'Structure model' '_struct_site.pdbx_auth_seq_id'       
# 
_pdbx_database_status.status_code                     REL 
_pdbx_database_status.entry_id                        1FYY 
_pdbx_database_status.recvd_initial_deposition_date   2000-10-03 
_pdbx_database_status.deposit_site                    RCSB 
_pdbx_database_status.process_site                    RCSB 
_pdbx_database_status.SG_entry                        . 
_pdbx_database_status.pdb_format_compatible           Y 
_pdbx_database_status.status_code_mr                  ? 
_pdbx_database_status.status_code_sf                  ? 
_pdbx_database_status.status_code_cs                  ? 
_pdbx_database_status.status_code_nmr_data            ? 
_pdbx_database_status.methods_development_category    ? 
# 
loop_
_audit_author.name 
_audit_author.pdbx_ordinal 
'Volk, D.E.'       1 
'Rice, J.S.'       2 
'Luxon, B.A.'      3 
'Yeh, H.J.C.'      4 
'Liang, C.'        5 
'Xie, G.'          6 
'Sayer, J.M.'      7 
'Jerina, D.M.'     8 
'Gorenstein, D.G.' 9 
# 
_citation.id                        primary 
_citation.title                     
;NMR evidence for syn-anti interconversion of a trans opened (10R)-dA adduct of benzo[a]pyrene (7S,8R)-diol (9R,10S)-epoxide in a DNA duplex.
;
_citation.journal_abbrev            Biochemistry 
_citation.journal_volume            39 
_citation.page_first                14040 
_citation.page_last                 14053 
_citation.year                      2000 
_citation.journal_id_ASTM           BICHAW 
_citation.country                   US 
_citation.journal_id_ISSN           0006-2960 
_citation.journal_id_CSD            0033 
_citation.book_publisher            ? 
_citation.pdbx_database_id_PubMed   11087351 
_citation.pdbx_database_id_DOI      10.1021/bi001669l 
# 
loop_
_citation_author.citation_id 
_citation_author.name 
_citation_author.ordinal 
_citation_author.identifier_ORCID 
primary 'Volk, D.E.'       1 ? 
primary 'Rice, J.S.'       2 ? 
primary 'Luxon, B.A.'      3 ? 
primary 'Yeh, H.J.'        4 ? 
primary 'Liang, C.'        5 ? 
primary 'Xie, G.'          6 ? 
primary 'Sayer, J.M.'      7 ? 
primary 'Jerina, D.M.'     8 ? 
primary 'Gorenstein, D.G.' 9 ? 
# 
loop_
_entity.id 
_entity.type 
_entity.src_method 
_entity.pdbx_description 
_entity.formula_weight 
_entity.pdbx_number_of_molecules 
_entity.pdbx_ec 
_entity.pdbx_mutation 
_entity.pdbx_fragment 
_entity.details 
1 polymer     syn 'HPRT DNA WITH BENZO[A]PYRENE-ADDUCTED DA7'         3711.442 1 ? ? ? ? 
2 polymer     syn "5'-D(*TP*GP*CP*CP*CP*TP*TP*GP*AP*CP*TP*A)-3'"      3613.366 1 ? ? ? ? 
3 non-polymer syn '1,2,3-TRIHYDROXY-1,2,3,4-TETRAHYDROBENZO[A]PYRENE' 304.339  1 ? ? ? ? 
# 
loop_
_entity_poly.entity_id 
_entity_poly.type 
_entity_poly.nstd_linkage 
_entity_poly.nstd_monomer 
_entity_poly.pdbx_seq_one_letter_code 
_entity_poly.pdbx_seq_one_letter_code_can 
_entity_poly.pdbx_strand_id 
_entity_poly.pdbx_target_identifier 
1 polydeoxyribonucleotide no no '(DT)(DA)(DG)(DT)(DC)(DA)(DA)(DG)(DG)(DG)(DC)(DA)' TAGTCAAGGGCA A ? 
2 polydeoxyribonucleotide no no '(DT)(DG)(DC)(DC)(DC)(DT)(DT)(DG)(DA)(DC)(DT)(DA)' TGCCCTTGACTA B ? 
# 
_pdbx_entity_nonpoly.entity_id   3 
_pdbx_entity_nonpoly.name        '1,2,3-TRIHYDROXY-1,2,3,4-TETRAHYDROBENZO[A]PYRENE' 
_pdbx_entity_nonpoly.comp_id     BAP 
# 
loop_
_entity_poly_seq.entity_id 
_entity_poly_seq.num 
_entity_poly_seq.mon_id 
_entity_poly_seq.hetero 
1 1  DT n 
1 2  DA n 
1 3  DG n 
1 4  DT n 
1 5  DC n 
1 6  DA n 
1 7  DA n 
1 8  DG n 
1 9  DG n 
1 10 DG n 
1 11 DC n 
1 12 DA n 
2 1  DT n 
2 2  DG n 
2 3  DC n 
2 4  DC n 
2 5  DC n 
2 6  DT n 
2 7  DT n 
2 8  DG n 
2 9  DA n 
2 10 DC n 
2 11 DT n 
2 12 DA n 
# 
_pdbx_entity_src_syn.entity_id              1 
_pdbx_entity_src_syn.pdbx_src_id            1 
_pdbx_entity_src_syn.pdbx_alt_source_flag   sample 
_pdbx_entity_src_syn.pdbx_beg_seq_num       ? 
_pdbx_entity_src_syn.pdbx_end_seq_num       ? 
_pdbx_entity_src_syn.organism_scientific    ? 
_pdbx_entity_src_syn.organism_common_name   ? 
_pdbx_entity_src_syn.ncbi_taxonomy_id       ? 
_pdbx_entity_src_syn.details                
'This sequence contains a mutational hotspot in the Mouse HPRT Gene with a chemically synthesized benzo[a]pyrene adduct' 
# 
loop_
_chem_comp.id 
_chem_comp.type 
_chem_comp.mon_nstd_flag 
_chem_comp.name 
_chem_comp.pdbx_synonyms 
_chem_comp.formula 
_chem_comp.formula_weight 
BAP non-polymer   . '1,2,3-TRIHYDROXY-1,2,3,4-TETRAHYDROBENZO[A]PYRENE' ? 'C20 H16 O3'      304.339 
DA  'DNA linking' y "2'-DEOXYADENOSINE-5'-MONOPHOSPHATE"                ? 'C10 H14 N5 O6 P' 331.222 
DC  'DNA linking' y "2'-DEOXYCYTIDINE-5'-MONOPHOSPHATE"                 ? 'C9 H14 N3 O7 P'  307.197 
DG  'DNA linking' y "2'-DEOXYGUANOSINE-5'-MONOPHOSPHATE"                ? 'C10 H14 N5 O7 P' 347.221 
DT  'DNA linking' y "THYMIDINE-5'-MONOPHOSPHATE"                        ? 'C10 H15 N2 O8 P' 322.208 
# 
loop_
_pdbx_poly_seq_scheme.asym_id 
_pdbx_poly_seq_scheme.entity_id 
_pdbx_poly_seq_scheme.seq_id 
_pdbx_poly_seq_scheme.mon_id 
_pdbx_poly_seq_scheme.ndb_seq_num 
_pdbx_poly_seq_scheme.pdb_seq_num 
_pdbx_poly_seq_scheme.auth_seq_num 
_pdbx_poly_seq_scheme.pdb_mon_id 
_pdbx_poly_seq_scheme.auth_mon_id 
_pdbx_poly_seq_scheme.pdb_strand_id 
_pdbx_poly_seq_scheme.pdb_ins_code 
_pdbx_poly_seq_scheme.hetero 
A 1 1  DT 1  1  1  DT T  A . n 
A 1 2  DA 2  2  2  DA A  A . n 
A 1 3  DG 3  3  3  DG G  A . n 
A 1 4  DT 4  4  4  DT T  A . n 
A 1 5  DC 5  5  5  DC C  A . n 
A 1 6  DA 6  6  6  DA A  A . n 
A 1 7  DA 7  7  7  DA +A A . n 
A 1 8  DG 8  8  8  DG G  A . n 
A 1 9  DG 9  9  9  DG G  A . n 
A 1 10 DG 10 10 10 DG G  A . n 
A 1 11 DC 11 11 11 DC C  A . n 
A 1 12 DA 12 12 12 DA A  A . n 
B 2 1  DT 1  13 13 DT T  B . n 
B 2 2  DG 2  14 14 DG G  B . n 
B 2 3  DC 3  15 15 DC C  B . n 
B 2 4  DC 4  16 16 DC C  B . n 
B 2 5  DC 5  17 17 DC C  B . n 
B 2 6  DT 6  18 18 DT T  B . n 
B 2 7  DT 7  19 19 DT T  B . n 
B 2 8  DG 8  20 20 DG G  B . n 
B 2 9  DA 9  21 21 DA A  B . n 
B 2 10 DC 10 22 22 DC C  B . n 
B 2 11 DT 11 23 23 DT T  B . n 
B 2 12 DA 12 24 24 DA A  B . n 
# 
_pdbx_nonpoly_scheme.asym_id         C 
_pdbx_nonpoly_scheme.entity_id       3 
_pdbx_nonpoly_scheme.mon_id          BAP 
_pdbx_nonpoly_scheme.ndb_seq_num     1 
_pdbx_nonpoly_scheme.pdb_seq_num     25 
_pdbx_nonpoly_scheme.auth_seq_num    25 
_pdbx_nonpoly_scheme.pdb_mon_id      BAP 
_pdbx_nonpoly_scheme.auth_mon_id     BP 
_pdbx_nonpoly_scheme.pdb_strand_id   A 
_pdbx_nonpoly_scheme.pdb_ins_code    . 
# 
_cell.entry_id           1FYY 
_cell.length_a           1.000 
_cell.length_b           1.000 
_cell.length_c           1.000 
_cell.angle_alpha        90.00 
_cell.angle_beta         90.00 
_cell.angle_gamma        90.00 
_cell.Z_PDB              1 
_cell.pdbx_unique_axis   ? 
# 
_symmetry.entry_id                         1FYY 
_symmetry.space_group_name_H-M             'P 1' 
_symmetry.pdbx_full_space_group_name_H-M   ? 
_symmetry.cell_setting                     ? 
_symmetry.Int_Tables_number                1 
# 
_exptl.entry_id          1FYY 
_exptl.method            'SOLUTION NMR' 
_exptl.crystals_number   ? 
# 
_struct.entry_id                  1FYY 
_struct.title                     'HPRT GENE MUTATION HOTSPOT WITH A BPDE2(10R) ADDUCT' 
_struct.pdbx_model_details        ? 
_struct.pdbx_CASP_flag            ? 
_struct.pdbx_model_type_details   ? 
# 
_struct_keywords.entry_id        1FYY 
_struct_keywords.pdbx_keywords   DNA 
_struct_keywords.text            'DNA lesions, benzo[a]pyrene, HPRT gene, Diol Epoxide Adducts, Syn-Anti Interconversion, DNA' 
# 
loop_
_struct_asym.id 
_struct_asym.pdbx_blank_PDB_chainid_flag 
_struct_asym.pdbx_modified 
_struct_asym.entity_id 
_struct_asym.details 
A N N 1 ? 
B N N 2 ? 
C N N 3 ? 
# 
loop_
_struct_ref.id 
_struct_ref.entity_id 
_struct_ref.db_name 
_struct_ref.db_code 
_struct_ref.pdbx_db_accession 
_struct_ref.pdbx_db_isoform 
_struct_ref.pdbx_seq_one_letter_code 
_struct_ref.pdbx_align_begin 
1 1 PDB 1FYY 1FYY ? ? ? 
2 2 PDB 1FYY 1FYY ? ? ? 
# 
loop_
_struct_ref_seq.align_id 
_struct_ref_seq.ref_id 
_struct_ref_seq.pdbx_PDB_id_code 
_struct_ref_seq.pdbx_strand_id 
_struct_ref_seq.seq_align_beg 
_struct_ref_seq.pdbx_seq_align_beg_ins_code 
_struct_ref_seq.seq_align_end 
_struct_ref_seq.pdbx_seq_align_end_ins_code 
_struct_ref_seq.pdbx_db_accession 
_struct_ref_seq.db_align_beg 
_struct_ref_seq.pdbx_db_align_beg_ins_code 
_struct_ref_seq.db_align_end 
_struct_ref_seq.pdbx_db_align_end_ins_code 
_struct_ref_seq.pdbx_auth_seq_align_beg 
_struct_ref_seq.pdbx_auth_seq_align_end 
1 1 1FYY A 1 ? 12 ? 1FYY 1  ? 12 ? 1  12 
2 2 1FYY B 1 ? 12 ? 1FYY 13 ? 24 ? 13 24 
# 
_pdbx_struct_assembly.id                   1 
_pdbx_struct_assembly.details              author_defined_assembly 
_pdbx_struct_assembly.method_details       ? 
_pdbx_struct_assembly.oligomeric_details   dimeric 
_pdbx_struct_assembly.oligomeric_count     2 
# 
_pdbx_struct_assembly_gen.assembly_id       1 
_pdbx_struct_assembly_gen.oper_expression   1 
_pdbx_struct_assembly_gen.asym_id_list      A,B,C 
# 
_pdbx_struct_oper_list.id                   1 
_pdbx_struct_oper_list.type                 'identity operation' 
_pdbx_struct_oper_list.name                 1_555 
_pdbx_struct_oper_list.symmetry_operation   x,y,z 
_pdbx_struct_oper_list.matrix[1][1]         1.0000000000 
_pdbx_struct_oper_list.matrix[1][2]         0.0000000000 
_pdbx_struct_oper_list.matrix[1][3]         0.0000000000 
_pdbx_struct_oper_list.vector[1]            0.0000000000 
_pdbx_struct_oper_list.matrix[2][1]         0.0000000000 
_pdbx_struct_oper_list.matrix[2][2]         1.0000000000 
_pdbx_struct_oper_list.matrix[2][3]         0.0000000000 
_pdbx_struct_oper_list.vector[2]            0.0000000000 
_pdbx_struct_oper_list.matrix[3][1]         0.0000000000 
_pdbx_struct_oper_list.matrix[3][2]         0.0000000000 
_pdbx_struct_oper_list.matrix[3][3]         1.0000000000 
_pdbx_struct_oper_list.vector[3]            0.0000000000 
# 
_struct_biol.id   1 
# 
loop_
_struct_conn.id 
_struct_conn.conn_type_id 
_struct_conn.pdbx_leaving_atom_flag 
_struct_conn.pdbx_PDB_id 
_struct_conn.ptnr1_label_asym_id 
_struct_conn.ptnr1_label_comp_id 
_struct_conn.ptnr1_label_seq_id 
_struct_conn.ptnr1_label_atom_id 
_struct_conn.pdbx_ptnr1_label_alt_id 
_struct_conn.pdbx_ptnr1_PDB_ins_code 
_struct_conn.pdbx_ptnr1_standard_comp_id 
_struct_conn.ptnr1_symmetry 
_struct_conn.ptnr2_label_asym_id 
_struct_conn.ptnr2_label_comp_id 
_struct_conn.ptnr2_label_seq_id 
_struct_conn.ptnr2_label_atom_id 
_struct_conn.pdbx_ptnr2_label_alt_id 
_struct_conn.pdbx_ptnr2_PDB_ins_code 
_struct_conn.ptnr1_auth_asym_id 
_struct_conn.ptnr1_auth_comp_id 
_struct_conn.ptnr1_auth_seq_id 
_struct_conn.ptnr2_auth_asym_id 
_struct_conn.ptnr2_auth_comp_id 
_struct_conn.ptnr2_auth_seq_id 
_struct_conn.ptnr2_symmetry 
_struct_conn.pdbx_ptnr3_label_atom_id 
_struct_conn.pdbx_ptnr3_label_seq_id 
_struct_conn.pdbx_ptnr3_label_comp_id 
_struct_conn.pdbx_ptnr3_label_asym_id 
_struct_conn.pdbx_ptnr3_label_alt_id 
_struct_conn.pdbx_ptnr3_PDB_ins_code 
_struct_conn.details 
_struct_conn.pdbx_dist_value 
_struct_conn.pdbx_value_order 
_struct_conn.pdbx_role 
covale1  covale none ? A DA 7  N6 ? ? ? 1_555 C BAP .  "C4'" ? ? A DA 7  A BAP 25 1_555 ? ? ? ? ? ? ?            1.487 ? ? 
hydrog1  hydrog ?    ? A DT 1  N3 ? ? ? 1_555 B DA  12 N1    ? ? A DT 1  B DA  24 1_555 ? ? ? ? ? ? WATSON-CRICK ?     ? ? 
hydrog2  hydrog ?    ? A DT 1  O4 ? ? ? 1_555 B DA  12 N6    ? ? A DT 1  B DA  24 1_555 ? ? ? ? ? ? WATSON-CRICK ?     ? ? 
hydrog3  hydrog ?    ? A DA 2  N1 ? ? ? 1_555 B DT  11 N3    ? ? A DA 2  B DT  23 1_555 ? ? ? ? ? ? WATSON-CRICK ?     ? ? 
hydrog4  hydrog ?    ? A DA 2  N6 ? ? ? 1_555 B DT  11 O4    ? ? A DA 2  B DT  23 1_555 ? ? ? ? ? ? WATSON-CRICK ?     ? ? 
hydrog5  hydrog ?    ? A DG 3  N1 ? ? ? 1_555 B DC  10 N3    ? ? A DG 3  B DC  22 1_555 ? ? ? ? ? ? WATSON-CRICK ?     ? ? 
hydrog6  hydrog ?    ? A DG 3  N2 ? ? ? 1_555 B DC  10 O2    ? ? A DG 3  B DC  22 1_555 ? ? ? ? ? ? WATSON-CRICK ?     ? ? 
hydrog7  hydrog ?    ? A DG 3  O6 ? ? ? 1_555 B DC  10 N4    ? ? A DG 3  B DC  22 1_555 ? ? ? ? ? ? WATSON-CRICK ?     ? ? 
hydrog8  hydrog ?    ? A DT 4  N3 ? ? ? 1_555 B DA  9  N1    ? ? A DT 4  B DA  21 1_555 ? ? ? ? ? ? WATSON-CRICK ?     ? ? 
hydrog9  hydrog ?    ? A DT 4  O4 ? ? ? 1_555 B DA  9  N6    ? ? A DT 4  B DA  21 1_555 ? ? ? ? ? ? WATSON-CRICK ?     ? ? 
hydrog10 hydrog ?    ? A DC 5  N3 ? ? ? 1_555 B DG  8  N1    ? ? A DC 5  B DG  20 1_555 ? ? ? ? ? ? WATSON-CRICK ?     ? ? 
hydrog11 hydrog ?    ? A DC 5  N4 ? ? ? 1_555 B DG  8  O6    ? ? A DC 5  B DG  20 1_555 ? ? ? ? ? ? WATSON-CRICK ?     ? ? 
hydrog12 hydrog ?    ? A DC 5  O2 ? ? ? 1_555 B DG  8  N2    ? ? A DC 5  B DG  20 1_555 ? ? ? ? ? ? WATSON-CRICK ?     ? ? 
hydrog13 hydrog ?    ? A DA 6  N1 ? ? ? 1_555 B DT  7  N3    ? ? A DA 6  B DT  19 1_555 ? ? ? ? ? ? WATSON-CRICK ?     ? ? 
hydrog14 hydrog ?    ? A DA 6  N6 ? ? ? 1_555 B DT  7  O4    ? ? A DA 6  B DT  19 1_555 ? ? ? ? ? ? WATSON-CRICK ?     ? ? 
hydrog15 hydrog ?    ? A DA 7  N1 ? ? ? 1_555 B DT  6  N3    ? ? A DA 7  B DT  18 1_555 ? ? ? ? ? ? WATSON-CRICK ?     ? ? 
hydrog16 hydrog ?    ? A DA 7  N6 ? ? ? 1_555 B DT  6  O4    ? ? A DA 7  B DT  18 1_555 ? ? ? ? ? ? WATSON-CRICK ?     ? ? 
hydrog17 hydrog ?    ? A DG 8  N1 ? ? ? 1_555 B DC  5  N3    ? ? A DG 8  B DC  17 1_555 ? ? ? ? ? ? WATSON-CRICK ?     ? ? 
hydrog18 hydrog ?    ? A DG 8  N2 ? ? ? 1_555 B DC  5  O2    ? ? A DG 8  B DC  17 1_555 ? ? ? ? ? ? WATSON-CRICK ?     ? ? 
hydrog19 hydrog ?    ? A DG 8  O6 ? ? ? 1_555 B DC  5  N4    ? ? A DG 8  B DC  17 1_555 ? ? ? ? ? ? WATSON-CRICK ?     ? ? 
hydrog20 hydrog ?    ? A DG 9  N1 ? ? ? 1_555 B DC  4  N3    ? ? A DG 9  B DC  16 1_555 ? ? ? ? ? ? WATSON-CRICK ?     ? ? 
hydrog21 hydrog ?    ? A DG 9  N2 ? ? ? 1_555 B DC  4  O2    ? ? A DG 9  B DC  16 1_555 ? ? ? ? ? ? WATSON-CRICK ?     ? ? 
hydrog22 hydrog ?    ? A DG 9  O6 ? ? ? 1_555 B DC  4  N4    ? ? A DG 9  B DC  16 1_555 ? ? ? ? ? ? WATSON-CRICK ?     ? ? 
hydrog23 hydrog ?    ? A DG 10 N1 ? ? ? 1_555 B DC  3  N3    ? ? A DG 10 B DC  15 1_555 ? ? ? ? ? ? WATSON-CRICK ?     ? ? 
hydrog24 hydrog ?    ? A DG 10 N2 ? ? ? 1_555 B DC  3  O2    ? ? A DG 10 B DC  15 1_555 ? ? ? ? ? ? WATSON-CRICK ?     ? ? 
hydrog25 hydrog ?    ? A DG 10 O6 ? ? ? 1_555 B DC  3  N4    ? ? A DG 10 B DC  15 1_555 ? ? ? ? ? ? WATSON-CRICK ?     ? ? 
hydrog26 hydrog ?    ? A DC 11 N3 ? ? ? 1_555 B DG  2  N1    ? ? A DC 11 B DG  14 1_555 ? ? ? ? ? ? WATSON-CRICK ?     ? ? 
hydrog27 hydrog ?    ? A DC 11 N4 ? ? ? 1_555 B DG  2  O6    ? ? A DC 11 B DG  14 1_555 ? ? ? ? ? ? WATSON-CRICK ?     ? ? 
hydrog28 hydrog ?    ? A DC 11 O2 ? ? ? 1_555 B DG  2  N2    ? ? A DC 11 B DG  14 1_555 ? ? ? ? ? ? WATSON-CRICK ?     ? ? 
hydrog29 hydrog ?    ? A DA 12 N1 ? ? ? 1_555 B DT  1  N3    ? ? A DA 12 B DT  13 1_555 ? ? ? ? ? ? WATSON-CRICK ?     ? ? 
hydrog30 hydrog ?    ? A DA 12 N6 ? ? ? 1_555 B DT  1  O4    ? ? A DA 12 B DT  13 1_555 ? ? ? ? ? ? WATSON-CRICK ?     ? ? 
# 
loop_
_struct_conn_type.id 
_struct_conn_type.criteria 
_struct_conn_type.reference 
covale ? ? 
hydrog ? ? 
# 
_struct_site.id                   AC1 
_struct_site.pdbx_evidence_code   Software 
_struct_site.pdbx_auth_asym_id    A 
_struct_site.pdbx_auth_comp_id    BAP 
_struct_site.pdbx_auth_seq_id     25 
_struct_site.pdbx_auth_ins_code   ? 
_struct_site.pdbx_num_residues    5 
_struct_site.details              'BINDING SITE FOR RESIDUE BAP A 25' 
# 
loop_
_struct_site_gen.id 
_struct_site_gen.site_id 
_struct_site_gen.pdbx_num_res 
_struct_site_gen.label_comp_id 
_struct_site_gen.label_asym_id 
_struct_site_gen.label_seq_id 
_struct_site_gen.pdbx_auth_ins_code 
_struct_site_gen.auth_comp_id 
_struct_site_gen.auth_asym_id 
_struct_site_gen.auth_seq_id 
_struct_site_gen.label_atom_id 
_struct_site_gen.label_alt_id 
_struct_site_gen.symmetry 
_struct_site_gen.details 
1 AC1 5 DC A 5 ? DC A 5  . ? 1_555 ? 
2 AC1 5 DA A 6 ? DA A 6  . ? 1_555 ? 
3 AC1 5 DA A 7 ? DA A 7  . ? 1_555 ? 
4 AC1 5 DT B 6 ? DT B 18 . ? 1_555 ? 
5 AC1 5 DT B 7 ? DT B 19 . ? 1_555 ? 
# 
loop_
_pdbx_validate_close_contact.id 
_pdbx_validate_close_contact.PDB_model_num 
_pdbx_validate_close_contact.auth_atom_id_1 
_pdbx_validate_close_contact.auth_asym_id_1 
_pdbx_validate_close_contact.auth_comp_id_1 
_pdbx_validate_close_contact.auth_seq_id_1 
_pdbx_validate_close_contact.PDB_ins_code_1 
_pdbx_validate_close_contact.label_alt_id_1 
_pdbx_validate_close_contact.auth_atom_id_2 
_pdbx_validate_close_contact.auth_asym_id_2 
_pdbx_validate_close_contact.auth_comp_id_2 
_pdbx_validate_close_contact.auth_seq_id_2 
_pdbx_validate_close_contact.PDB_ins_code_2 
_pdbx_validate_close_contact.label_alt_id_2 
_pdbx_validate_close_contact.dist 
1 1 OP2    A DA 6  ? ? HO3 A BAP 25 ? ? 1.44 
2 1 "HO5'" B DT 13 ? ? OP2 B DG  14 ? ? 1.46 
3 1 OP2    A DA 6  ? ? HO2 A BAP 25 ? ? 1.60 
# 
_pdbx_validate_rmsd_bond.id                        1 
_pdbx_validate_rmsd_bond.PDB_model_num             1 
_pdbx_validate_rmsd_bond.auth_atom_id_1            "C5'" 
_pdbx_validate_rmsd_bond.auth_asym_id_1            A 
_pdbx_validate_rmsd_bond.auth_comp_id_1            DA 
_pdbx_validate_rmsd_bond.auth_seq_id_1             6 
_pdbx_validate_rmsd_bond.PDB_ins_code_1            ? 
_pdbx_validate_rmsd_bond.label_alt_id_1            ? 
_pdbx_validate_rmsd_bond.auth_atom_id_2            "C4'" 
_pdbx_validate_rmsd_bond.auth_asym_id_2            A 
_pdbx_validate_rmsd_bond.auth_comp_id_2            DA 
_pdbx_validate_rmsd_bond.auth_seq_id_2             6 
_pdbx_validate_rmsd_bond.PDB_ins_code_2            ? 
_pdbx_validate_rmsd_bond.label_alt_id_2            ? 
_pdbx_validate_rmsd_bond.bond_value                1.559 
_pdbx_validate_rmsd_bond.bond_target_value         1.512 
_pdbx_validate_rmsd_bond.bond_deviation            0.047 
_pdbx_validate_rmsd_bond.bond_standard_deviation   0.007 
_pdbx_validate_rmsd_bond.linker_flag               N 
# 
loop_
_pdbx_validate_rmsd_angle.id 
_pdbx_validate_rmsd_angle.PDB_model_num 
_pdbx_validate_rmsd_angle.auth_atom_id_1 
_pdbx_validate_rmsd_angle.auth_asym_id_1 
_pdbx_validate_rmsd_angle.auth_comp_id_1 
_pdbx_validate_rmsd_angle.auth_seq_id_1 
_pdbx_validate_rmsd_angle.PDB_ins_code_1 
_pdbx_validate_rmsd_angle.label_alt_id_1 
_pdbx_validate_rmsd_angle.auth_atom_id_2 
_pdbx_validate_rmsd_angle.auth_asym_id_2 
_pdbx_validate_rmsd_angle.auth_comp_id_2 
_pdbx_validate_rmsd_angle.auth_seq_id_2 
_pdbx_validate_rmsd_angle.PDB_ins_code_2 
_pdbx_validate_rmsd_angle.label_alt_id_2 
_pdbx_validate_rmsd_angle.auth_atom_id_3 
_pdbx_validate_rmsd_angle.auth_asym_id_3 
_pdbx_validate_rmsd_angle.auth_comp_id_3 
_pdbx_validate_rmsd_angle.auth_seq_id_3 
_pdbx_validate_rmsd_angle.PDB_ins_code_3 
_pdbx_validate_rmsd_angle.label_alt_id_3 
_pdbx_validate_rmsd_angle.angle_value 
_pdbx_validate_rmsd_angle.angle_target_value 
_pdbx_validate_rmsd_angle.angle_deviation 
_pdbx_validate_rmsd_angle.angle_standard_deviation 
_pdbx_validate_rmsd_angle.linker_flag 
1  1 "C1'" A DT 1  ? ? "O4'" A DT 1  ? ? "C4'" A DT 1  ? ? 103.92 110.10 -6.18 1.00 N 
2  1 "O4'" A DT 1  ? ? "C1'" A DT 1  ? ? N1    A DT 1  ? ? 114.73 108.30 6.43  0.30 N 
3  1 "O4'" A DA 2  ? ? "C1'" A DA 2  ? ? N9    A DA 2  ? ? 110.19 108.30 1.89  0.30 N 
4  1 C5    A DA 2  ? ? C6    A DA 2  ? ? N1    A DA 2  ? ? 120.70 117.70 3.00  0.50 N 
5  1 "O4'" A DG 3  ? ? "C1'" A DG 3  ? ? N9    A DG 3  ? ? 102.94 108.00 -5.06 0.70 N 
6  1 "O4'" A DT 4  ? ? "C1'" A DT 4  ? ? N1    A DT 4  ? ? 114.13 108.30 5.83  0.30 N 
7  1 "O4'" A DC 5  ? ? "C1'" A DC 5  ? ? "C2'" A DC 5  ? ? 101.02 105.90 -4.88 0.80 N 
8  1 "O4'" A DC 5  ? ? "C1'" A DC 5  ? ? N1    A DC 5  ? ? 115.35 108.30 7.05  0.30 N 
9  1 N1    A DA 7  ? ? C6    A DA 7  ? ? N6    A DA 7  ? ? 112.95 118.60 -5.65 0.60 N 
10 1 "O4'" A DG 8  ? ? "C1'" A DG 8  ? ? N9    A DG 8  ? ? 113.49 108.30 5.19  0.30 N 
11 1 N1    A DG 9  ? ? C6    A DG 9  ? ? O6    A DG 9  ? ? 115.63 119.90 -4.27 0.60 N 
12 1 "O4'" A DG 10 ? ? "C1'" A DG 10 ? ? N9    A DG 10 ? ? 110.36 108.30 2.06  0.30 N 
13 1 C5    A DA 12 ? ? C6    A DA 12 ? ? N1    A DA 12 ? ? 120.88 117.70 3.18  0.50 N 
14 1 N1    A DA 12 ? ? C6    A DA 12 ? ? N6    A DA 12 ? ? 114.37 118.60 -4.23 0.60 N 
15 1 "O4'" B DT 13 ? ? "C1'" B DT 13 ? ? N1    B DT 13 ? ? 113.38 108.30 5.08  0.30 N 
16 1 C6    B DT 13 ? ? C5    B DT 13 ? ? C7    B DT 13 ? ? 119.24 122.90 -3.66 0.60 N 
17 1 "O4'" B DG 14 ? ? "C1'" B DG 14 ? ? N9    B DG 14 ? ? 112.22 108.30 3.92  0.30 N 
18 1 "O4'" B DC 15 ? ? "C4'" B DC 15 ? ? "C3'" B DC 15 ? ? 112.11 106.00 6.11  0.60 N 
19 1 "O4'" B DC 16 ? ? "C4'" B DC 16 ? ? "C3'" B DC 16 ? ? 110.68 106.00 4.68  0.60 N 
20 1 C6    B DT 18 ? ? C5    B DT 18 ? ? C7    B DT 18 ? ? 119.09 122.90 -3.81 0.60 N 
21 1 "C1'" B DT 19 ? ? "O4'" B DT 19 ? ? "C4'" B DT 19 ? ? 103.70 110.10 -6.40 1.00 N 
22 1 "O4'" B DT 19 ? ? "C1'" B DT 19 ? ? N1    B DT 19 ? ? 113.33 108.30 5.03  0.30 N 
23 1 C6    B DT 19 ? ? C5    B DT 19 ? ? C7    B DT 19 ? ? 119.03 122.90 -3.87 0.60 N 
24 1 "O4'" B DA 21 ? ? "C1'" B DA 21 ? ? N9    B DA 21 ? ? 110.74 108.30 2.44  0.30 N 
25 1 C5    B DA 21 ? ? C6    B DA 21 ? ? N1    B DA 21 ? ? 120.82 117.70 3.12  0.50 N 
26 1 "O4'" B DC 22 ? ? "C1'" B DC 22 ? ? N1    B DC 22 ? ? 112.73 108.30 4.43  0.30 N 
27 1 "O4'" B DT 23 ? ? "C4'" B DT 23 ? ? "C3'" B DT 23 ? ? 112.29 106.00 6.29  0.60 N 
28 1 N1    B DA 24 ? ? C6    B DA 24 ? ? N6    B DA 24 ? ? 114.25 118.60 -4.35 0.60 N 
# 
loop_
_pdbx_validate_chiral.id 
_pdbx_validate_chiral.PDB_model_num 
_pdbx_validate_chiral.auth_atom_id 
_pdbx_validate_chiral.label_alt_id 
_pdbx_validate_chiral.auth_asym_id 
_pdbx_validate_chiral.auth_comp_id 
_pdbx_validate_chiral.auth_seq_id 
_pdbx_validate_chiral.PDB_ins_code 
_pdbx_validate_chiral.details 
_pdbx_validate_chiral.omega 
1 1 "C1'" ? A BAP 25 ? 'WRONG HAND' . 
2 1 "C2'" ? A BAP 25 ? 'WRONG HAND' . 
3 1 "C3'" ? A BAP 25 ? 'WRONG HAND' . 
# 
loop_
_pdbx_validate_planes.id 
_pdbx_validate_planes.PDB_model_num 
_pdbx_validate_planes.auth_comp_id 
_pdbx_validate_planes.auth_asym_id 
_pdbx_validate_planes.auth_seq_id 
_pdbx_validate_planes.PDB_ins_code 
_pdbx_validate_planes.label_alt_id 
_pdbx_validate_planes.rmsd 
_pdbx_validate_planes.type 
1 1 DC A 5  ? ? 0.121 'SIDE CHAIN' 
2 1 DA A 6  ? ? 0.084 'SIDE CHAIN' 
3 1 DA A 7  ? ? 0.117 'SIDE CHAIN' 
4 1 DG A 9  ? ? 0.081 'SIDE CHAIN' 
5 1 DC A 11 ? ? 0.078 'SIDE CHAIN' 
6 1 DG B 14 ? ? 0.068 'SIDE CHAIN' 
7 1 DT B 19 ? ? 0.162 'SIDE CHAIN' 
# 
_pdbx_nmr_ensemble.entry_id                                      1FYY 
_pdbx_nmr_ensemble.conformers_calculated_total_number            10 
_pdbx_nmr_ensemble.conformers_submitted_total_number             1 
_pdbx_nmr_ensemble.conformer_selection_criteria                  'Submitted the average structure of the 10 structures determined' 
_pdbx_nmr_ensemble.average_constraints_per_residue               ? 
_pdbx_nmr_ensemble.average_constraint_violations_per_residue     ? 
_pdbx_nmr_ensemble.maximum_distance_constraint_violation         ? 
_pdbx_nmr_ensemble.average_distance_constraint_violation         ? 
_pdbx_nmr_ensemble.maximum_upper_distance_constraint_violation   ? 
_pdbx_nmr_ensemble.maximum_lower_distance_constraint_violation   ? 
_pdbx_nmr_ensemble.distance_constraint_violation_method          ? 
_pdbx_nmr_ensemble.maximum_torsion_angle_constraint_violation    ? 
_pdbx_nmr_ensemble.average_torsion_angle_constraint_violation    ? 
_pdbx_nmr_ensemble.torsion_angle_constraint_violation_method     ? 
# 
_pdbx_nmr_sample_details.solution_id      1 
_pdbx_nmr_sample_details.contents         '1 mM Duplex, 20 mM phosphate buffer, 56 mM NaCl, pH 6.8-7.0' 
_pdbx_nmr_sample_details.solvent_system   '90% H2O / 10% D2O or >99.96% D2O' 
# 
_pdbx_nmr_exptl_sample_conditions.conditions_id       1 
_pdbx_nmr_exptl_sample_conditions.temperature         288 
_pdbx_nmr_exptl_sample_conditions.pressure            ambient 
_pdbx_nmr_exptl_sample_conditions.pH                  6.8 
_pdbx_nmr_exptl_sample_conditions.ionic_strength      '100 mM' 
_pdbx_nmr_exptl_sample_conditions.pressure_units      ? 
_pdbx_nmr_exptl_sample_conditions.temperature_units   K 
# 
loop_
_pdbx_nmr_exptl.experiment_id 
_pdbx_nmr_exptl.conditions_id 
_pdbx_nmr_exptl.solution_id 
_pdbx_nmr_exptl.type 
1 1 1 '2D NOESY' 
2 2 2 '2D NOESY' 
# 
_pdbx_nmr_details.entry_id   1FYY 
_pdbx_nmr_details.text       'This structure was determined using standard 2D homonuclear techniques.' 
# 
_pdbx_nmr_refine.entry_id           1FYY 
_pdbx_nmr_refine.method             'matrix relaxation' 
_pdbx_nmr_refine.details            ? 
_pdbx_nmr_refine.software_ordinal   1 
# 
loop_
_pdbx_nmr_software.name 
_pdbx_nmr_software.version 
_pdbx_nmr_software.classification 
_pdbx_nmr_software.authors 
_pdbx_nmr_software.ordinal 
Amber  5   refinement                    'Case, D. A. et al'                               1 
MORASS 2.5 'iterative matrix relaxation' 'Post, C. B. ; Meadows, R. and Gorenstein, D. G.' 2 
# 
loop_
_chem_comp_atom.comp_id 
_chem_comp_atom.atom_id 
_chem_comp_atom.type_symbol 
_chem_comp_atom.pdbx_aromatic_flag 
_chem_comp_atom.pdbx_stereo_config 
_chem_comp_atom.pdbx_ordinal 
BAP C1     C Y N 1   
BAP C2     C Y N 2   
BAP C3     C Y N 3   
BAP C3A    C Y N 4   
BAP C4     C Y N 5   
BAP C5     C Y N 6   
BAP C5A    C Y N 7   
BAP C6     C Y N 8   
BAP C7     C Y N 9   
BAP C8     C Y N 10  
BAP C8A    C Y N 11  
BAP C9     C Y N 12  
BAP C10    C Y N 13  
BAP C1A    C Y N 14  
BAP C3B    C Y N 15  
BAP C5B    C Y N 16  
BAP "C1'"  C N R 17  
BAP "O1'"  O N N 18  
BAP "C2'"  C N R 19  
BAP "O2'"  O N N 20  
BAP "C3'"  C N R 21  
BAP "O3'"  O N N 22  
BAP "C4'"  C N N 23  
BAP H1     H N N 24  
BAP H2     H N N 25  
BAP H3     H N N 26  
BAP H4     H N N 27  
BAP H5     H N N 28  
BAP H8     H N N 29  
BAP H9     H N N 30  
BAP H10    H N N 31  
BAP "H1'"  H N N 32  
BAP HO1    H N N 33  
BAP "H2'"  H N N 34  
BAP HO2    H N N 35  
BAP "H3'"  H N N 36  
BAP HO3    H N N 37  
BAP "H4'1" H N N 38  
BAP "H4'2" H N N 39  
DA  OP3    O N N 40  
DA  P      P N N 41  
DA  OP1    O N N 42  
DA  OP2    O N N 43  
DA  "O5'"  O N N 44  
DA  "C5'"  C N N 45  
DA  "C4'"  C N R 46  
DA  "O4'"  O N N 47  
DA  "C3'"  C N S 48  
DA  "O3'"  O N N 49  
DA  "C2'"  C N N 50  
DA  "C1'"  C N R 51  
DA  N9     N Y N 52  
DA  C8     C Y N 53  
DA  N7     N Y N 54  
DA  C5     C Y N 55  
DA  C6     C Y N 56  
DA  N6     N N N 57  
DA  N1     N Y N 58  
DA  C2     C Y N 59  
DA  N3     N Y N 60  
DA  C4     C Y N 61  
DA  HOP3   H N N 62  
DA  HOP2   H N N 63  
DA  "H5'"  H N N 64  
DA  "H5''" H N N 65  
DA  "H4'"  H N N 66  
DA  "H3'"  H N N 67  
DA  "HO3'" H N N 68  
DA  "H2'"  H N N 69  
DA  "H2''" H N N 70  
DA  "H1'"  H N N 71  
DA  H8     H N N 72  
DA  H61    H N N 73  
DA  H62    H N N 74  
DA  H2     H N N 75  
DC  OP3    O N N 76  
DC  P      P N N 77  
DC  OP1    O N N 78  
DC  OP2    O N N 79  
DC  "O5'"  O N N 80  
DC  "C5'"  C N N 81  
DC  "C4'"  C N R 82  
DC  "O4'"  O N N 83  
DC  "C3'"  C N S 84  
DC  "O3'"  O N N 85  
DC  "C2'"  C N N 86  
DC  "C1'"  C N R 87  
DC  N1     N N N 88  
DC  C2     C N N 89  
DC  O2     O N N 90  
DC  N3     N N N 91  
DC  C4     C N N 92  
DC  N4     N N N 93  
DC  C5     C N N 94  
DC  C6     C N N 95  
DC  HOP3   H N N 96  
DC  HOP2   H N N 97  
DC  "H5'"  H N N 98  
DC  "H5''" H N N 99  
DC  "H4'"  H N N 100 
DC  "H3'"  H N N 101 
DC  "HO3'" H N N 102 
DC  "H2'"  H N N 103 
DC  "H2''" H N N 104 
DC  "H1'"  H N N 105 
DC  H41    H N N 106 
DC  H42    H N N 107 
DC  H5     H N N 108 
DC  H6     H N N 109 
DG  OP3    O N N 110 
DG  P      P N N 111 
DG  OP1    O N N 112 
DG  OP2    O N N 113 
DG  "O5'"  O N N 114 
DG  "C5'"  C N N 115 
DG  "C4'"  C N R 116 
DG  "O4'"  O N N 117 
DG  "C3'"  C N S 118 
DG  "O3'"  O N N 119 
DG  "C2'"  C N N 120 
DG  "C1'"  C N R 121 
DG  N9     N Y N 122 
DG  C8     C Y N 123 
DG  N7     N Y N 124 
DG  C5     C Y N 125 
DG  C6     C N N 126 
DG  O6     O N N 127 
DG  N1     N N N 128 
DG  C2     C N N 129 
DG  N2     N N N 130 
DG  N3     N N N 131 
DG  C4     C Y N 132 
DG  HOP3   H N N 133 
DG  HOP2   H N N 134 
DG  "H5'"  H N N 135 
DG  "H5''" H N N 136 
DG  "H4'"  H N N 137 
DG  "H3'"  H N N 138 
DG  "HO3'" H N N 139 
DG  "H2'"  H N N 140 
DG  "H2''" H N N 141 
DG  "H1'"  H N N 142 
DG  H8     H N N 143 
DG  H1     H N N 144 
DG  H21    H N N 145 
DG  H22    H N N 146 
DT  OP3    O N N 147 
DT  P      P N N 148 
DT  OP1    O N N 149 
DT  OP2    O N N 150 
DT  "O5'"  O N N 151 
DT  "C5'"  C N N 152 
DT  "C4'"  C N R 153 
DT  "O4'"  O N N 154 
DT  "C3'"  C N S 155 
DT  "O3'"  O N N 156 
DT  "C2'"  C N N 157 
DT  "C1'"  C N R 158 
DT  N1     N N N 159 
DT  C2     C N N 160 
DT  O2     O N N 161 
DT  N3     N N N 162 
DT  C4     C N N 163 
DT  O4     O N N 164 
DT  C5     C N N 165 
DT  C7     C N N 166 
DT  C6     C N N 167 
DT  HOP3   H N N 168 
DT  HOP2   H N N 169 
DT  "H5'"  H N N 170 
DT  "H5''" H N N 171 
DT  "H4'"  H N N 172 
DT  "H3'"  H N N 173 
DT  "HO3'" H N N 174 
DT  "H2'"  H N N 175 
DT  "H2''" H N N 176 
DT  "H1'"  H N N 177 
DT  H3     H N N 178 
DT  H71    H N N 179 
DT  H72    H N N 180 
DT  H73    H N N 181 
DT  H6     H N N 182 
# 
loop_
_chem_comp_bond.comp_id 
_chem_comp_bond.atom_id_1 
_chem_comp_bond.atom_id_2 
_chem_comp_bond.value_order 
_chem_comp_bond.pdbx_aromatic_flag 
_chem_comp_bond.pdbx_stereo_config 
_chem_comp_bond.pdbx_ordinal 
BAP C1    C2     doub Y N 1   
BAP C1    C1A    sing Y N 2   
BAP C1    H1     sing N N 3   
BAP C2    C3     sing Y N 4   
BAP C2    H2     sing N N 5   
BAP C3    C3A    doub Y N 6   
BAP C3    H3     sing N N 7   
BAP C3A   C4     sing Y N 8   
BAP C3A   C3B    sing Y N 9   
BAP C4    C5     doub Y N 10  
BAP C4    H4     sing N N 11  
BAP C5    C5A    sing Y N 12  
BAP C5    H5     sing N N 13  
BAP C5A   C6     doub Y N 14  
BAP C5A   C5B    sing Y N 15  
BAP C6    C7     sing Y N 16  
BAP C6    "C4'"  sing N N 17  
BAP C7    C8     doub Y N 18  
BAP C7    "C1'"  sing N N 19  
BAP C8    C8A    sing Y N 20  
BAP C8    H8     sing N N 21  
BAP C8A   C9     doub Y N 22  
BAP C8A   C5B    sing Y N 23  
BAP C9    C10    sing Y N 24  
BAP C9    H9     sing N N 25  
BAP C10   C1A    doub Y N 26  
BAP C10   H10    sing N N 27  
BAP C1A   C3B    sing Y N 28  
BAP C3B   C5B    doub Y N 29  
BAP "C1'" "O1'"  sing N N 30  
BAP "C1'" "C2'"  sing N N 31  
BAP "C1'" "H1'"  sing N N 32  
BAP "O1'" HO1    sing N N 33  
BAP "C2'" "O2'"  sing N N 34  
BAP "C2'" "C3'"  sing N N 35  
BAP "C2'" "H2'"  sing N N 36  
BAP "O2'" HO2    sing N N 37  
BAP "C3'" "O3'"  sing N N 38  
BAP "C3'" "C4'"  sing N N 39  
BAP "C3'" "H3'"  sing N N 40  
BAP "O3'" HO3    sing N N 41  
BAP "C4'" "H4'1" sing N N 42  
BAP "C4'" "H4'2" sing N N 43  
DA  OP3   P      sing N N 44  
DA  OP3   HOP3   sing N N 45  
DA  P     OP1    doub N N 46  
DA  P     OP2    sing N N 47  
DA  P     "O5'"  sing N N 48  
DA  OP2   HOP2   sing N N 49  
DA  "O5'" "C5'"  sing N N 50  
DA  "C5'" "C4'"  sing N N 51  
DA  "C5'" "H5'"  sing N N 52  
DA  "C5'" "H5''" sing N N 53  
DA  "C4'" "O4'"  sing N N 54  
DA  "C4'" "C3'"  sing N N 55  
DA  "C4'" "H4'"  sing N N 56  
DA  "O4'" "C1'"  sing N N 57  
DA  "C3'" "O3'"  sing N N 58  
DA  "C3'" "C2'"  sing N N 59  
DA  "C3'" "H3'"  sing N N 60  
DA  "O3'" "HO3'" sing N N 61  
DA  "C2'" "C1'"  sing N N 62  
DA  "C2'" "H2'"  sing N N 63  
DA  "C2'" "H2''" sing N N 64  
DA  "C1'" N9     sing N N 65  
DA  "C1'" "H1'"  sing N N 66  
DA  N9    C8     sing Y N 67  
DA  N9    C4     sing Y N 68  
DA  C8    N7     doub Y N 69  
DA  C8    H8     sing N N 70  
DA  N7    C5     sing Y N 71  
DA  C5    C6     sing Y N 72  
DA  C5    C4     doub Y N 73  
DA  C6    N6     sing N N 74  
DA  C6    N1     doub Y N 75  
DA  N6    H61    sing N N 76  
DA  N6    H62    sing N N 77  
DA  N1    C2     sing Y N 78  
DA  C2    N3     doub Y N 79  
DA  C2    H2     sing N N 80  
DA  N3    C4     sing Y N 81  
DC  OP3   P      sing N N 82  
DC  OP3   HOP3   sing N N 83  
DC  P     OP1    doub N N 84  
DC  P     OP2    sing N N 85  
DC  P     "O5'"  sing N N 86  
DC  OP2   HOP2   sing N N 87  
DC  "O5'" "C5'"  sing N N 88  
DC  "C5'" "C4'"  sing N N 89  
DC  "C5'" "H5'"  sing N N 90  
DC  "C5'" "H5''" sing N N 91  
DC  "C4'" "O4'"  sing N N 92  
DC  "C4'" "C3'"  sing N N 93  
DC  "C4'" "H4'"  sing N N 94  
DC  "O4'" "C1'"  sing N N 95  
DC  "C3'" "O3'"  sing N N 96  
DC  "C3'" "C2'"  sing N N 97  
DC  "C3'" "H3'"  sing N N 98  
DC  "O3'" "HO3'" sing N N 99  
DC  "C2'" "C1'"  sing N N 100 
DC  "C2'" "H2'"  sing N N 101 
DC  "C2'" "H2''" sing N N 102 
DC  "C1'" N1     sing N N 103 
DC  "C1'" "H1'"  sing N N 104 
DC  N1    C2     sing N N 105 
DC  N1    C6     sing N N 106 
DC  C2    O2     doub N N 107 
DC  C2    N3     sing N N 108 
DC  N3    C4     doub N N 109 
DC  C4    N4     sing N N 110 
DC  C4    C5     sing N N 111 
DC  N4    H41    sing N N 112 
DC  N4    H42    sing N N 113 
DC  C5    C6     doub N N 114 
DC  C5    H5     sing N N 115 
DC  C6    H6     sing N N 116 
DG  OP3   P      sing N N 117 
DG  OP3   HOP3   sing N N 118 
DG  P     OP1    doub N N 119 
DG  P     OP2    sing N N 120 
DG  P     "O5'"  sing N N 121 
DG  OP2   HOP2   sing N N 122 
DG  "O5'" "C5'"  sing N N 123 
DG  "C5'" "C4'"  sing N N 124 
DG  "C5'" "H5'"  sing N N 125 
DG  "C5'" "H5''" sing N N 126 
DG  "C4'" "O4'"  sing N N 127 
DG  "C4'" "C3'"  sing N N 128 
DG  "C4'" "H4'"  sing N N 129 
DG  "O4'" "C1'"  sing N N 130 
DG  "C3'" "O3'"  sing N N 131 
DG  "C3'" "C2'"  sing N N 132 
DG  "C3'" "H3'"  sing N N 133 
DG  "O3'" "HO3'" sing N N 134 
DG  "C2'" "C1'"  sing N N 135 
DG  "C2'" "H2'"  sing N N 136 
DG  "C2'" "H2''" sing N N 137 
DG  "C1'" N9     sing N N 138 
DG  "C1'" "H1'"  sing N N 139 
DG  N9    C8     sing Y N 140 
DG  N9    C4     sing Y N 141 
DG  C8    N7     doub Y N 142 
DG  C8    H8     sing N N 143 
DG  N7    C5     sing Y N 144 
DG  C5    C6     sing N N 145 
DG  C5    C4     doub Y N 146 
DG  C6    O6     doub N N 147 
DG  C6    N1     sing N N 148 
DG  N1    C2     sing N N 149 
DG  N1    H1     sing N N 150 
DG  C2    N2     sing N N 151 
DG  C2    N3     doub N N 152 
DG  N2    H21    sing N N 153 
DG  N2    H22    sing N N 154 
DG  N3    C4     sing N N 155 
DT  OP3   P      sing N N 156 
DT  OP3   HOP3   sing N N 157 
DT  P     OP1    doub N N 158 
DT  P     OP2    sing N N 159 
DT  P     "O5'"  sing N N 160 
DT  OP2   HOP2   sing N N 161 
DT  "O5'" "C5'"  sing N N 162 
DT  "C5'" "C4'"  sing N N 163 
DT  "C5'" "H5'"  sing N N 164 
DT  "C5'" "H5''" sing N N 165 
DT  "C4'" "O4'"  sing N N 166 
DT  "C4'" "C3'"  sing N N 167 
DT  "C4'" "H4'"  sing N N 168 
DT  "O4'" "C1'"  sing N N 169 
DT  "C3'" "O3'"  sing N N 170 
DT  "C3'" "C2'"  sing N N 171 
DT  "C3'" "H3'"  sing N N 172 
DT  "O3'" "HO3'" sing N N 173 
DT  "C2'" "C1'"  sing N N 174 
DT  "C2'" "H2'"  sing N N 175 
DT  "C2'" "H2''" sing N N 176 
DT  "C1'" N1     sing N N 177 
DT  "C1'" "H1'"  sing N N 178 
DT  N1    C2     sing N N 179 
DT  N1    C6     sing N N 180 
DT  C2    O2     doub N N 181 
DT  C2    N3     sing N N 182 
DT  N3    C4     sing N N 183 
DT  N3    H3     sing N N 184 
DT  C4    O4     doub N N 185 
DT  C4    C5     sing N N 186 
DT  C5    C7     sing N N 187 
DT  C5    C6     doub N N 188 
DT  C7    H71    sing N N 189 
DT  C7    H72    sing N N 190 
DT  C7    H73    sing N N 191 
DT  C6    H6     sing N N 192 
# 
loop_
_ndb_struct_conf_na.entry_id 
_ndb_struct_conf_na.feature 
1FYY 'double helix'        
1FYY 'b-form double helix' 
# 
loop_
_ndb_struct_na_base_pair.model_number 
_ndb_struct_na_base_pair.i_label_asym_id 
_ndb_struct_na_base_pair.i_label_comp_id 
_ndb_struct_na_base_pair.i_label_seq_id 
_ndb_struct_na_base_pair.i_symmetry 
_ndb_struct_na_base_pair.j_label_asym_id 
_ndb_struct_na_base_pair.j_label_comp_id 
_ndb_struct_na_base_pair.j_label_seq_id 
_ndb_struct_na_base_pair.j_symmetry 
_ndb_struct_na_base_pair.shear 
_ndb_struct_na_base_pair.stretch 
_ndb_struct_na_base_pair.stagger 
_ndb_struct_na_base_pair.buckle 
_ndb_struct_na_base_pair.propeller 
_ndb_struct_na_base_pair.opening 
_ndb_struct_na_base_pair.pair_number 
_ndb_struct_na_base_pair.pair_name 
_ndb_struct_na_base_pair.i_auth_asym_id 
_ndb_struct_na_base_pair.i_auth_seq_id 
_ndb_struct_na_base_pair.i_PDB_ins_code 
_ndb_struct_na_base_pair.j_auth_asym_id 
_ndb_struct_na_base_pair.j_auth_seq_id 
_ndb_struct_na_base_pair.j_PDB_ins_code 
_ndb_struct_na_base_pair.hbond_type_28 
_ndb_struct_na_base_pair.hbond_type_12 
1 A DT 1  1_555 B DA 12 1_555 -0.046 -0.379 -1.252 8.507   -19.137 9.565   1  A_DT1:DA24_B  A 1  ? B 24 ? 20 1 
1 A DA 2  1_555 B DT 11 1_555 0.025  -0.078 -0.204 -1.735  -8.775  -4.167  2  A_DA2:DT23_B  A 2  ? B 23 ? 20 1 
1 A DG 3  1_555 B DC 10 1_555 -0.627 -0.254 0.041  -1.203  -7.671  2.829   3  A_DG3:DC22_B  A 3  ? B 22 ? 19 1 
1 A DT 4  1_555 B DA 9  1_555 -0.016 -0.092 -0.043 1.306   -4.000  -6.157  4  A_DT4:DA21_B  A 4  ? B 21 ? 20 1 
1 A DC 5  1_555 B DG 8  1_555 0.136  -0.184 -0.077 6.144   -1.140  -3.306  5  A_DC5:DG20_B  A 5  ? B 20 ? 19 1 
1 A DA 6  1_555 B DT 7  1_555 -0.101 0.267  1.281  51.330  3.925   -17.803 6  A_DA6:DT19_B  A 6  ? B 19 ? 20 1 
1 A DA 7  1_555 B DT 6  1_555 0.193  0.194  0.168  -26.835 21.870  8.605   7  A_DA7:DT18_B  A 7  ? B 18 ? 20 1 
1 A DG 8  1_555 B DC 5  1_555 -0.226 -0.214 0.481  0.703   11.071  1.120   8  A_DG8:DC17_B  A 8  ? B 17 ? 19 1 
1 A DG 9  1_555 B DC 4  1_555 0.321  -0.151 -0.246 -11.170 -26.342 3.218   9  A_DG9:DC16_B  A 9  ? B 16 ? 19 1 
1 A DG 10 1_555 B DC 3  1_555 0.096  -0.316 0.621  -12.959 -14.679 -6.935  10 A_DG10:DC15_B A 10 ? B 15 ? 19 1 
1 A DC 11 1_555 B DG 2  1_555 0.659  -0.098 1.110  -40.403 10.240  0.906   11 A_DC11:DG14_B A 11 ? B 14 ? 19 1 
1 A DA 12 1_555 B DT 1  1_555 -0.465 -0.621 1.111  -25.397 -35.451 -27.882 12 A_DA12:DT13_B A 12 ? B 13 ? 20 1 
# 
loop_
_ndb_struct_na_base_pair_step.model_number 
_ndb_struct_na_base_pair_step.i_label_asym_id_1 
_ndb_struct_na_base_pair_step.i_label_comp_id_1 
_ndb_struct_na_base_pair_step.i_label_seq_id_1 
_ndb_struct_na_base_pair_step.i_symmetry_1 
_ndb_struct_na_base_pair_step.j_label_asym_id_1 
_ndb_struct_na_base_pair_step.j_label_comp_id_1 
_ndb_struct_na_base_pair_step.j_label_seq_id_1 
_ndb_struct_na_base_pair_step.j_symmetry_1 
_ndb_struct_na_base_pair_step.i_label_asym_id_2 
_ndb_struct_na_base_pair_step.i_label_comp_id_2 
_ndb_struct_na_base_pair_step.i_label_seq_id_2 
_ndb_struct_na_base_pair_step.i_symmetry_2 
_ndb_struct_na_base_pair_step.j_label_asym_id_2 
_ndb_struct_na_base_pair_step.j_label_comp_id_2 
_ndb_struct_na_base_pair_step.j_label_seq_id_2 
_ndb_struct_na_base_pair_step.j_symmetry_2 
_ndb_struct_na_base_pair_step.shift 
_ndb_struct_na_base_pair_step.slide 
_ndb_struct_na_base_pair_step.rise 
_ndb_struct_na_base_pair_step.tilt 
_ndb_struct_na_base_pair_step.roll 
_ndb_struct_na_base_pair_step.twist 
_ndb_struct_na_base_pair_step.x_displacement 
_ndb_struct_na_base_pair_step.y_displacement 
_ndb_struct_na_base_pair_step.helical_rise 
_ndb_struct_na_base_pair_step.inclination 
_ndb_struct_na_base_pair_step.tip 
_ndb_struct_na_base_pair_step.helical_twist 
_ndb_struct_na_base_pair_step.step_number 
_ndb_struct_na_base_pair_step.step_name 
_ndb_struct_na_base_pair_step.i_auth_asym_id_1 
_ndb_struct_na_base_pair_step.i_auth_seq_id_1 
_ndb_struct_na_base_pair_step.i_PDB_ins_code_1 
_ndb_struct_na_base_pair_step.j_auth_asym_id_1 
_ndb_struct_na_base_pair_step.j_auth_seq_id_1 
_ndb_struct_na_base_pair_step.j_PDB_ins_code_1 
_ndb_struct_na_base_pair_step.i_auth_asym_id_2 
_ndb_struct_na_base_pair_step.i_auth_seq_id_2 
_ndb_struct_na_base_pair_step.i_PDB_ins_code_2 
_ndb_struct_na_base_pair_step.j_auth_asym_id_2 
_ndb_struct_na_base_pair_step.j_auth_seq_id_2 
_ndb_struct_na_base_pair_step.j_PDB_ins_code_2 
1 A DT 1  1_555 B DA 12 1_555 A DA 2  1_555 B DT 11 1_555 -0.911 1.614  3.615 -13.711 12.486  33.167 0.482  -0.798 4.017 20.044  
22.011 37.872 1  AA_DT1DA2:DT23DA24_BB   A 1  ? B 24 ? A 2  ? B 23 ? 
1 A DA 2  1_555 B DT 11 1_555 A DG 3  1_555 B DC 10 1_555 0.055  -0.346 3.225 -7.857  14.101  36.201 -2.121 -0.978 2.833 21.431  
11.941 39.526 2  AA_DA2DG3:DC22DT23_BB   A 2  ? B 23 ? A 3  ? B 22 ? 
1 A DG 3  1_555 B DC 10 1_555 A DT 4  1_555 B DA 9  1_555 -0.437 -0.837 3.221 -0.319  -1.713  30.662 -1.246 0.763  3.266 -3.236  
0.602  30.710 3  AA_DG3DT4:DA21DC22_BB   A 3  ? B 22 ? A 4  ? B 21 ? 
1 A DT 4  1_555 B DA 9  1_555 A DC 5  1_555 B DG 8  1_555 0.886  -1.134 3.146 1.244   6.081   23.734 -4.412 -1.729 2.814 14.471  
-2.960 24.521 4  AA_DT4DC5:DG20DA21_BB   A 4  ? B 21 ? A 5  ? B 20 ? 
1 A DC 5  1_555 B DG 8  1_555 A DA 6  1_555 B DT 7  1_555 -1.697 0.334  2.662 -8.882  -15.016 37.639 1.852  1.587  2.666 -21.894 
12.950 41.353 5  AA_DC5DA6:DT19DG20_BB   A 5  ? B 20 ? A 6  ? B 19 ? 
1 A DA 7  1_555 B DT 6  1_555 A DG 8  1_555 B DC 5  1_555 0.273  1.052  2.781 -4.731  13.608  19.189 -1.640 -2.110 2.772 35.111  
12.208 23.955 6  AA_DA7DG8:DC17DT18_BB   A 7  ? B 18 ? A 8  ? B 17 ? 
1 A DG 8  1_555 B DC 5  1_555 A DG 9  1_555 B DC 4  1_555 -1.464 1.121  3.785 -0.016  17.547  35.404 -0.921 2.169  3.899 26.911  
0.025  39.389 7  AA_DG8DG9:DC16DC17_BB   A 8  ? B 17 ? A 9  ? B 16 ? 
1 A DG 9  1_555 B DC 4  1_555 A DG 10 1_555 B DC 3  1_555 0.337  -0.494 3.071 -7.264  1.155   35.364 -0.948 -1.496 2.930 1.876   
11.801 36.097 8  AA_DG9DG10:DC15DC16_BB  A 9  ? B 16 ? A 10 ? B 15 ? 
1 A DG 10 1_555 B DC 3  1_555 A DC 11 1_555 B DG 2  1_555 0.723  -0.800 4.083 -2.095  10.560  37.906 -2.708 -1.375 3.695 15.869  
3.148  39.351 9  AA_DG10DC11:DG14DC15_BB A 10 ? B 15 ? A 11 ? B 14 ? 
1 A DC 11 1_555 B DG 2  1_555 A DA 12 1_555 B DT 1  1_555 -1.705 0.636  3.666 -3.110  -21.545 25.814 4.934  2.391  2.584 -40.306 
5.819  33.647 10 AA_DC11DA12:DT13DG14_BB A 11 ? B 14 ? A 12 ? B 13 ? 
# 
_pdbx_nmr_spectrometer.spectrometer_id   1 
_pdbx_nmr_spectrometer.type              ? 
_pdbx_nmr_spectrometer.manufacturer      Varian 
_pdbx_nmr_spectrometer.model             UNITYPLUS 
_pdbx_nmr_spectrometer.field_strength    750 
# 
_atom_sites.entry_id                    1FYY 
_atom_sites.fract_transf_matrix[1][1]   1.000000 
_atom_sites.fract_transf_matrix[1][2]   0.000000 
_atom_sites.fract_transf_matrix[1][3]   0.000000 
_atom_sites.fract_transf_matrix[2][1]   0.000000 
_atom_sites.fract_transf_matrix[2][2]   1.000000 
_atom_sites.fract_transf_matrix[2][3]   0.000000 
_atom_sites.fract_transf_matrix[3][1]   0.000000 
_atom_sites.fract_transf_matrix[3][2]   0.000000 
_atom_sites.fract_transf_matrix[3][3]   1.000000 
_atom_sites.fract_transf_vector[1]      0.00000 
_atom_sites.fract_transf_vector[2]      0.00000 
_atom_sites.fract_transf_vector[3]      0.00000 
# 
loop_
_atom_type.symbol 
C 
H 
N 
O 
P 
# 
loop_
_atom_site.group_PDB 
_atom_site.id 
_atom_site.type_symbol 
_atom_site.label_atom_id 
_atom_site.label_alt_id 
_atom_site.label_comp_id 
_atom_site.label_asym_id 
_atom_site.label_entity_id 
_atom_site.label_seq_id 
_atom_site.pdbx_PDB_ins_code 
_atom_site.Cartn_x 
_atom_site.Cartn_y 
_atom_site.Cartn_z 
_atom_site.occupancy 
_atom_site.B_iso_or_equiv 
_atom_site.pdbx_formal_charge 
_atom_site.auth_seq_id 
_atom_site.auth_comp_id 
_atom_site.auth_asym_id 
_atom_site.auth_atom_id 
_atom_site.pdbx_PDB_model_num 
ATOM   1   O "O5'"  . DT  A 1 1  ? 7.806   22.263  -2.050  1.00 10.00 ? 1  DT  A "O5'"  1 
ATOM   2   C "C5'"  . DT  A 1 1  ? 6.640   21.600  -2.506  1.00 10.00 ? 1  DT  A "C5'"  1 
ATOM   3   C "C4'"  . DT  A 1 1  ? 6.521   20.239  -1.812  1.00 10.00 ? 1  DT  A "C4'"  1 
ATOM   4   O "O4'"  . DT  A 1 1  ? 7.755   19.550  -1.812  1.00 10.00 ? 1  DT  A "O4'"  1 
ATOM   5   C "C3'"  . DT  A 1 1  ? 6.155   20.290  -0.339  1.00 10.00 ? 1  DT  A "C3'"  1 
ATOM   6   O "O3'"  . DT  A 1 1  ? 4.864   20.729  0.055   1.00 10.00 ? 1  DT  A "O3'"  1 
ATOM   7   C "C2'"  . DT  A 1 1  ? 6.687   18.967  0.179   1.00 10.00 ? 1  DT  A "C2'"  1 
ATOM   8   C "C1'"  . DT  A 1 1  ? 7.507   18.408  -1.016  1.00 10.00 ? 1  DT  A "C1'"  1 
ATOM   9   N N1     . DT  A 1 1  ? 8.722   17.649  -0.621  1.00 10.00 ? 1  DT  A N1     1 
ATOM   10  C C2     . DT  A 1 1  ? 9.713   17.370  -1.571  1.00 10.00 ? 1  DT  A C2     1 
ATOM   11  O O2     . DT  A 1 1  ? 9.679   17.714  -2.748  1.00 10.00 ? 1  DT  A O2     1 
ATOM   12  N N3     . DT  A 1 1  ? 10.764  16.593  -1.139  1.00 10.00 ? 1  DT  A N3     1 
ATOM   13  C C4     . DT  A 1 1  ? 10.865  15.947  0.072   1.00 10.00 ? 1  DT  A C4     1 
ATOM   14  O O4     . DT  A 1 1  ? 11.841  15.225  0.269   1.00 10.00 ? 1  DT  A O4     1 
ATOM   15  C C5     . DT  A 1 1  ? 9.738   16.182  0.972   1.00 10.00 ? 1  DT  A C5     1 
ATOM   16  C C7     . DT  A 1 1  ? 9.665   15.478  2.314   1.00 10.00 ? 1  DT  A C7     1 
ATOM   17  C C6     . DT  A 1 1  ? 8.720   16.997  0.588   1.00 10.00 ? 1  DT  A C6     1 
ATOM   18  H "H5'"  . DT  A 1 1  ? 6.714   21.442  -3.582  1.00 10.00 ? 1  DT  A "H5'"  1 
ATOM   19  H "H5''" . DT  A 1 1  ? 5.754   22.200  -2.293  1.00 10.00 ? 1  DT  A "H5''" 1 
ATOM   20  H "H4'"  . DT  A 1 1  ? 5.797   19.620  -2.307  1.00 10.00 ? 1  DT  A "H4'"  1 
ATOM   21  H "H3'"  . DT  A 1 1  ? 6.822   21.005  0.078   1.00 10.00 ? 1  DT  A "H3'"  1 
ATOM   22  H "H2'"  . DT  A 1 1  ? 7.358   19.227  0.981   1.00 10.00 ? 1  DT  A "H2'"  1 
ATOM   23  H "H2''" . DT  A 1 1  ? 5.950   18.283  0.616   1.00 10.00 ? 1  DT  A "H2''" 1 
ATOM   24  H "H1'"  . DT  A 1 1  ? 6.918   17.719  -1.617  1.00 10.00 ? 1  DT  A "H1'"  1 
ATOM   25  H H3     . DT  A 1 1  ? 11.367  16.242  -1.875  1.00 10.00 ? 1  DT  A H3     1 
ATOM   26  H H71    . DT  A 1 1  ? 10.660  15.436  2.759   1.00 10.00 ? 1  DT  A H71    1 
ATOM   27  H H72    . DT  A 1 1  ? 8.999   16.013  2.991   1.00 10.00 ? 1  DT  A H72    1 
ATOM   28  H H73    . DT  A 1 1  ? 9.298   14.461  2.170   1.00 10.00 ? 1  DT  A H73    1 
ATOM   29  H H6     . DT  A 1 1  ? 7.842   17.160  1.191   1.00 10.00 ? 1  DT  A H6     1 
ATOM   30  H "HO5'" . DT  A 1 1  ? 8.483   21.583  -1.948  1.00 10.00 ? 1  DT  A "HO5'" 1 
ATOM   31  P P      . DA  A 1 2  ? 3.484   20.041  -0.383  1.00 10.00 ? 2  DA  A P      1 
ATOM   32  O OP1    . DA  A 1 2  ? 2.368   20.854  0.141   1.00 10.00 ? 2  DA  A OP1    1 
ATOM   33  O OP2    . DA  A 1 2  ? 3.551   18.600  -0.062  1.00 10.00 ? 2  DA  A OP2    1 
ATOM   34  O "O5'"  . DA  A 1 2  ? 3.494   20.198  -1.985  1.00 10.00 ? 2  DA  A "O5'"  1 
ATOM   35  C "C5'"  . DA  A 1 2  ? 2.505   19.550  -2.751  1.00 10.00 ? 2  DA  A "C5'"  1 
ATOM   36  C "C4'"  . DA  A 1 2  ? 3.073   18.801  -3.972  1.00 10.00 ? 2  DA  A "C4'"  1 
ATOM   37  O "O4'"  . DA  A 1 2  ? 4.372   18.235  -3.753  1.00 10.00 ? 2  DA  A "O4'"  1 
ATOM   38  C "C3'"  . DA  A 1 2  ? 2.131   17.630  -4.255  1.00 10.00 ? 2  DA  A "C3'"  1 
ATOM   39  O "O3'"  . DA  A 1 2  ? 1.987   17.409  -5.646  1.00 10.00 ? 2  DA  A "O3'"  1 
ATOM   40  C "C2'"  . DA  A 1 2  ? 2.862   16.542  -3.525  1.00 10.00 ? 2  DA  A "C2'"  1 
ATOM   41  C "C1'"  . DA  A 1 2  ? 4.305   16.829  -3.923  1.00 10.00 ? 2  DA  A "C1'"  1 
ATOM   42  N N9     . DA  A 1 2  ? 5.219   16.162  -2.987  1.00 10.00 ? 2  DA  A N9     1 
ATOM   43  C C8     . DA  A 1 2  ? 5.117   16.245  -1.636  1.00 10.00 ? 2  DA  A C8     1 
ATOM   44  N N7     . DA  A 1 2  ? 6.028   15.581  -0.975  1.00 10.00 ? 2  DA  A N7     1 
ATOM   45  C C5     . DA  A 1 2  ? 6.778   14.989  -2.002  1.00 10.00 ? 2  DA  A C5     1 
ATOM   46  C C6     . DA  A 1 2  ? 7.924   14.162  -2.034  1.00 10.00 ? 2  DA  A C6     1 
ATOM   47  N N6     . DA  A 1 2  ? 8.570   13.766  -0.950  1.00 10.00 ? 2  DA  A N6     1 
ATOM   48  N N1     . DA  A 1 2  ? 8.436   13.748  -3.199  1.00 10.00 ? 2  DA  A N1     1 
ATOM   49  C C2     . DA  A 1 2  ? 7.842   14.151  -4.318  1.00 10.00 ? 2  DA  A C2     1 
ATOM   50  N N3     . DA  A 1 2  ? 6.787   14.952  -4.448  1.00 10.00 ? 2  DA  A N3     1 
ATOM   51  C C4     . DA  A 1 2  ? 6.291   15.336  -3.237  1.00 10.00 ? 2  DA  A C4     1 
ATOM   52  H "H5'"  . DA  A 1 2  ? 1.771   20.284  -3.086  1.00 10.00 ? 2  DA  A "H5'"  1 
ATOM   53  H "H5''" . DA  A 1 2  ? 1.982   18.844  -2.104  1.00 10.00 ? 2  DA  A "H5''" 1 
ATOM   54  H "H4'"  . DA  A 1 2  ? 3.097   19.464  -4.826  1.00 10.00 ? 2  DA  A "H4'"  1 
ATOM   55  H "H3'"  . DA  A 1 2  ? 1.180   17.751  -3.751  1.00 10.00 ? 2  DA  A "H3'"  1 
ATOM   56  H "H2'"  . DA  A 1 2  ? 2.722   16.738  -2.481  1.00 10.00 ? 2  DA  A "H2'"  1 
ATOM   57  H "H2''" . DA  A 1 2  ? 2.472   15.552  -3.674  1.00 10.00 ? 2  DA  A "H2''" 1 
ATOM   58  H "H1'"  . DA  A 1 2  ? 4.519   16.566  -4.955  1.00 10.00 ? 2  DA  A "H1'"  1 
ATOM   59  H H8     . DA  A 1 2  ? 4.342   16.904  -1.264  1.00 10.00 ? 2  DA  A H8     1 
ATOM   60  H H61    . DA  A 1 2  ? 9.397   13.172  -1.033  1.00 10.00 ? 2  DA  A H61    1 
ATOM   61  H H62    . DA  A 1 2  ? 8.171   13.998  -0.058  1.00 10.00 ? 2  DA  A H62    1 
ATOM   62  H H2     . DA  A 1 2  ? 8.283   13.794  -5.240  1.00 10.00 ? 2  DA  A H2     1 
ATOM   63  P P      . DG  A 1 3  ? 0.978   16.294  -6.222  1.00 10.00 ? 3  DG  A P      1 
ATOM   64  O OP1    . DG  A 1 3  ? 0.379   16.808  -7.471  1.00 10.00 ? 3  DG  A OP1    1 
ATOM   65  O OP2    . DG  A 1 3  ? 0.109   15.830  -5.119  1.00 10.00 ? 3  DG  A OP2    1 
ATOM   66  O "O5'"  . DG  A 1 3  ? 1.977   15.091  -6.597  1.00 10.00 ? 3  DG  A "O5'"  1 
ATOM   67  C "C5'"  . DG  A 1 3  ? 2.858   15.188  -7.704  1.00 10.00 ? 3  DG  A "C5'"  1 
ATOM   68  C "C4'"  . DG  A 1 3  ? 3.400   13.819  -8.133  1.00 10.00 ? 3  DG  A "C4'"  1 
ATOM   69  O "O4'"  . DG  A 1 3  ? 4.372   13.312  -7.251  1.00 10.00 ? 3  DG  A "O4'"  1 
ATOM   70  C "C3'"  . DG  A 1 3  ? 2.331   12.763  -8.376  1.00 10.00 ? 3  DG  A "C3'"  1 
ATOM   71  O "O3'"  . DG  A 1 3  ? 2.734   11.983  -9.496  1.00 10.00 ? 3  DG  A "O3'"  1 
ATOM   72  C "C2'"  . DG  A 1 3  ? 2.421   12.022  -7.059  1.00 10.00 ? 3  DG  A "C2'"  1 
ATOM   73  C "C1'"  . DG  A 1 3  ? 3.924   12.065  -6.773  1.00 10.00 ? 3  DG  A "C1'"  1 
ATOM   74  N N9     . DG  A 1 3  ? 4.234   12.131  -5.347  1.00 10.00 ? 3  DG  A N9     1 
ATOM   75  C C8     . DG  A 1 3  ? 3.744   13.051  -4.483  1.00 10.00 ? 3  DG  A C8     1 
ATOM   76  N N7     . DG  A 1 3  ? 4.214   12.961  -3.267  1.00 10.00 ? 3  DG  A N7     1 
ATOM   77  C C5     . DG  A 1 3  ? 5.171   11.937  -3.372  1.00 10.00 ? 3  DG  A C5     1 
ATOM   78  C C6     . DG  A 1 3  ? 6.100   11.376  -2.423  1.00 10.00 ? 3  DG  A C6     1 
ATOM   79  O O6     . DG  A 1 3  ? 6.261   11.624  -1.227  1.00 10.00 ? 3  DG  A O6     1 
ATOM   80  N N1     . DG  A 1 3  ? 6.930   10.422  -2.985  1.00 10.00 ? 3  DG  A N1     1 
ATOM   81  C C2     . DG  A 1 3  ? 6.891   10.044  -4.294  1.00 10.00 ? 3  DG  A C2     1 
ATOM   82  N N2     . DG  A 1 3  ? 7.711   9.109   -4.696  1.00 10.00 ? 3  DG  A N2     1 
ATOM   83  N N3     . DG  A 1 3  ? 6.033   10.512  -5.190  1.00 10.00 ? 3  DG  A N3     1 
ATOM   84  C C4     . DG  A 1 3  ? 5.207   11.459  -4.667  1.00 10.00 ? 3  DG  A C4     1 
ATOM   85  H "H5'"  . DG  A 1 3  ? 3.688   15.849  -7.452  1.00 10.00 ? 3  DG  A "H5'"  1 
ATOM   86  H "H5''" . DG  A 1 3  ? 2.319   15.613  -8.552  1.00 10.00 ? 3  DG  A "H5''" 1 
ATOM   87  H "H4'"  . DG  A 1 3  ? 3.918   13.928  -9.049  1.00 10.00 ? 3  DG  A "H4'"  1 
ATOM   88  H "H3'"  . DG  A 1 3  ? 1.348   13.209  -8.536  1.00 10.00 ? 3  DG  A "H3'"  1 
ATOM   89  H "H2'"  . DG  A 1 3  ? 1.840   12.550  -6.306  1.00 10.00 ? 3  DG  A "H2'"  1 
ATOM   90  H "H2''" . DG  A 1 3  ? 2.049   11.023  -7.146  1.00 10.00 ? 3  DG  A "H2''" 1 
ATOM   91  H "H1'"  . DG  A 1 3  ? 4.440   11.235  -7.263  1.00 10.00 ? 3  DG  A "H1'"  1 
ATOM   92  H H8     . DG  A 1 3  ? 3.043   13.752  -4.911  1.00 10.00 ? 3  DG  A H8     1 
ATOM   93  H H1     . DG  A 1 3  ? 7.600   9.995   -2.354  1.00 10.00 ? 3  DG  A H1     1 
ATOM   94  H H21    . DG  A 1 3  ? 8.337   8.660   -4.022  1.00 10.00 ? 3  DG  A H21    1 
ATOM   95  H H22    . DG  A 1 3  ? 7.615   8.806   -5.645  1.00 10.00 ? 3  DG  A H22    1 
ATOM   96  P P      . DT  A 1 4  ? 1.783   10.867  -10.164 1.00 10.00 ? 4  DT  A P      1 
ATOM   97  O OP1    . DT  A 1 4  ? 2.248   10.639  -11.549 1.00 10.00 ? 4  DT  A OP1    1 
ATOM   98  O OP2    . DT  A 1 4  ? 0.374   11.230  -9.904  1.00 10.00 ? 4  DT  A OP2    1 
ATOM   99  O "O5'"  . DT  A 1 4  ? 2.139   9.562   -9.294  1.00 10.00 ? 4  DT  A "O5'"  1 
ATOM   100 C "C5'"  . DT  A 1 4  ? 3.267   8.762   -9.607  1.00 10.00 ? 4  DT  A "C5'"  1 
ATOM   101 C "C4'"  . DT  A 1 4  ? 3.544   7.725   -8.517  1.00 10.00 ? 4  DT  A "C4'"  1 
ATOM   102 O "O4'"  . DT  A 1 4  ? 4.010   8.357   -7.329  1.00 10.00 ? 4  DT  A "O4'"  1 
ATOM   103 C "C3'"  . DT  A 1 4  ? 2.347   6.858   -8.176  1.00 10.00 ? 4  DT  A "C3'"  1 
ATOM   104 O "O3'"  . DT  A 1 4  ? 2.448   5.565   -8.757  1.00 10.00 ? 4  DT  A "O3'"  1 
ATOM   105 C "C2'"  . DT  A 1 4  ? 2.444   6.803   -6.668  1.00 10.00 ? 4  DT  A "C2'"  1 
ATOM   106 C "C1'"  . DT  A 1 4  ? 3.767   7.449   -6.280  1.00 10.00 ? 4  DT  A "C1'"  1 
ATOM   107 N N1     . DT  A 1 4  ? 3.733   8.068   -4.943  1.00 10.00 ? 4  DT  A N1     1 
ATOM   108 C C2     . DT  A 1 4  ? 4.593   7.630   -3.933  1.00 10.00 ? 4  DT  A C2     1 
ATOM   109 O O2     . DT  A 1 4  ? 5.429   6.746   -4.088  1.00 10.00 ? 4  DT  A O2     1 
ATOM   110 N N3     . DT  A 1 4  ? 4.447   8.242   -2.705  1.00 10.00 ? 4  DT  A N3     1 
ATOM   111 C C4     . DT  A 1 4  ? 3.522   9.226   -2.403  1.00 10.00 ? 4  DT  A C4     1 
ATOM   112 O O4     . DT  A 1 4  ? 3.516   9.703   -1.275  1.00 10.00 ? 4  DT  A O4     1 
ATOM   113 C C5     . DT  A 1 4  ? 2.626   9.589   -3.499  1.00 10.00 ? 4  DT  A C5     1 
ATOM   114 C C7     . DT  A 1 4  ? 1.524   10.614  -3.299  1.00 10.00 ? 4  DT  A C7     1 
ATOM   115 C C6     . DT  A 1 4  ? 2.771   8.995   -4.708  1.00 10.00 ? 4  DT  A C6     1 
ATOM   116 H "H5'"  . DT  A 1 4  ? 4.141   9.403   -9.712  1.00 10.00 ? 4  DT  A "H5'"  1 
ATOM   117 H "H5''" . DT  A 1 4  ? 3.089   8.251   -10.553 1.00 10.00 ? 4  DT  A "H5''" 1 
ATOM   118 H "H4'"  . DT  A 1 4  ? 4.280   7.012   -8.854  1.00 10.00 ? 4  DT  A "H4'"  1 
ATOM   119 H "H3'"  . DT  A 1 4  ? 1.436   7.365   -8.472  1.00 10.00 ? 4  DT  A "H3'"  1 
ATOM   120 H "H2'"  . DT  A 1 4  ? 1.564   7.302   -6.276  1.00 10.00 ? 4  DT  A "H2'"  1 
ATOM   121 H "H2''" . DT  A 1 4  ? 2.516   5.796   -6.339  1.00 10.00 ? 4  DT  A "H2''" 1 
ATOM   122 H "H1'"  . DT  A 1 4  ? 4.526   6.690   -6.254  1.00 10.00 ? 4  DT  A "H1'"  1 
ATOM   123 H H3     . DT  A 1 4  ? 5.071   7.923   -1.966  1.00 10.00 ? 4  DT  A H3     1 
ATOM   124 H H71    . DT  A 1 4  ? 1.866   11.391  -2.614  1.00 10.00 ? 4  DT  A H71    1 
ATOM   125 H H72    . DT  A 1 4  ? 1.260   11.077  -4.249  1.00 10.00 ? 4  DT  A H72    1 
ATOM   126 H H73    . DT  A 1 4  ? 0.647   10.126  -2.876  1.00 10.00 ? 4  DT  A H73    1 
ATOM   127 H H6     . DT  A 1 4  ? 2.169   9.163   -5.578  1.00 10.00 ? 4  DT  A H6     1 
ATOM   128 P P      . DC  A 1 5  ? 1.252   4.474   -8.648  1.00 10.00 ? 5  DC  A P      1 
ATOM   129 O OP1    . DC  A 1 5  ? 1.483   3.452   -9.690  1.00 10.00 ? 5  DC  A OP1    1 
ATOM   130 O OP2    . DC  A 1 5  ? -0.030  5.211   -8.611  1.00 10.00 ? 5  DC  A OP2    1 
ATOM   131 O "O5'"  . DC  A 1 5  ? 1.474   3.788   -7.203  1.00 10.00 ? 5  DC  A "O5'"  1 
ATOM   132 C "C5'"  . DC  A 1 5  ? 2.551   2.896   -6.956  1.00 10.00 ? 5  DC  A "C5'"  1 
ATOM   133 C "C4'"  . DC  A 1 5  ? 2.709   2.603   -5.456  1.00 10.00 ? 5  DC  A "C4'"  1 
ATOM   134 O "O4'"  . DC  A 1 5  ? 3.139   3.761   -4.736  1.00 10.00 ? 5  DC  A "O4'"  1 
ATOM   135 C "C3'"  . DC  A 1 5  ? 1.449   2.044   -4.794  1.00 10.00 ? 5  DC  A "C3'"  1 
ATOM   136 O "O3'"  . DC  A 1 5  ? 1.764   0.878   -4.060  1.00 10.00 ? 5  DC  A "O3'"  1 
ATOM   137 C "C2'"  . DC  A 1 5  ? 1.149   3.168   -3.834  1.00 10.00 ? 5  DC  A "C2'"  1 
ATOM   138 C "C1'"  . DC  A 1 5  ? 2.542   3.659   -3.463  1.00 10.00 ? 5  DC  A "C1'"  1 
ATOM   139 N N1     . DC  A 1 5  ? 2.494   4.921   -2.680  1.00 10.00 ? 5  DC  A N1     1 
ATOM   140 C C2     . DC  A 1 5  ? 3.142   5.008   -1.433  1.00 10.00 ? 5  DC  A C2     1 
ATOM   141 O O2     . DC  A 1 5  ? 4.016   4.212   -1.091  1.00 10.00 ? 5  DC  A O2     1 
ATOM   142 N N3     . DC  A 1 5  ? 2.782   5.982   -0.552  1.00 10.00 ? 5  DC  A N3     1 
ATOM   143 C C4     . DC  A 1 5  ? 1.825   6.837   -0.878  1.00 10.00 ? 5  DC  A C4     1 
ATOM   144 N N4     . DC  A 1 5  ? 1.462   7.720   0.015   1.00 10.00 ? 5  DC  A N4     1 
ATOM   145 C C5     . DC  A 1 5  ? 1.184   6.812   -2.149  1.00 10.00 ? 5  DC  A C5     1 
ATOM   146 C C6     . DC  A 1 5  ? 1.557   5.858   -3.013  1.00 10.00 ? 5  DC  A C6     1 
ATOM   147 H "H5'"  . DC  A 1 5  ? 3.478   3.334   -7.328  1.00 10.00 ? 5  DC  A "H5'"  1 
ATOM   148 H "H5''" . DC  A 1 5  ? 2.366   1.961   -7.487  1.00 10.00 ? 5  DC  A "H5''" 1 
ATOM   149 H "H4'"  . DC  A 1 5  ? 3.452   1.838   -5.300  1.00 10.00 ? 5  DC  A "H4'"  1 
ATOM   150 H "H3'"  . DC  A 1 5  ? 0.629   1.887   -5.499  1.00 10.00 ? 5  DC  A "H3'"  1 
ATOM   151 H "H2'"  . DC  A 1 5  ? 0.578   3.895   -4.391  1.00 10.00 ? 5  DC  A "H2'"  1 
ATOM   152 H "H2''" . DC  A 1 5  ? 0.622   2.882   -2.945  1.00 10.00 ? 5  DC  A "H2''" 1 
ATOM   153 H "H1'"  . DC  A 1 5  ? 3.021   2.870   -2.880  1.00 10.00 ? 5  DC  A "H1'"  1 
ATOM   154 H H41    . DC  A 1 5  ? 1.946   7.704   0.916   1.00 10.00 ? 5  DC  A H41    1 
ATOM   155 H H42    . DC  A 1 5  ? 0.776   8.412   -0.204  1.00 10.00 ? 5  DC  A H42    1 
ATOM   156 H H5     . DC  A 1 5  ? 0.396   7.448   -2.485  1.00 10.00 ? 5  DC  A H5     1 
ATOM   157 H H6     . DC  A 1 5  ? 1.030   5.806   -3.946  1.00 10.00 ? 5  DC  A H6     1 
ATOM   158 P P      . DA  A 1 6  ? 1.383   -0.580  -4.591  1.00 10.00 ? 6  DA  A P      1 
ATOM   159 O OP1    . DA  A 1 6  ? 1.404   -0.583  -6.066  1.00 10.00 ? 6  DA  A OP1    1 
ATOM   160 O OP2    . DA  A 1 6  ? 0.158   -0.971  -3.831  1.00 10.00 ? 6  DA  A OP2    1 
ATOM   161 O "O5'"  . DA  A 1 6  ? 2.623   -1.467  -4.042  1.00 10.00 ? 6  DA  A "O5'"  1 
ATOM   162 C "C5'"  . DA  A 1 6  ? 4.000   -1.146  -4.235  1.00 10.00 ? 6  DA  A "C5'"  1 
ATOM   163 C "C4'"  . DA  A 1 6  ? 4.962   -1.877  -3.252  1.00 10.00 ? 6  DA  A "C4'"  1 
ATOM   164 O "O4'"  . DA  A 1 6  ? 5.049   -1.213  -1.996  1.00 10.00 ? 6  DA  A "O4'"  1 
ATOM   165 C "C3'"  . DA  A 1 6  ? 4.544   -3.308  -2.918  1.00 10.00 ? 6  DA  A "C3'"  1 
ATOM   166 O "O3'"  . DA  A 1 6  ? 5.633   -4.126  -2.514  1.00 10.00 ? 6  DA  A "O3'"  1 
ATOM   167 C "C2'"  . DA  A 1 6  ? 3.593   -3.089  -1.755  1.00 10.00 ? 6  DA  A "C2'"  1 
ATOM   168 C "C1'"  . DA  A 1 6  ? 4.165   -1.826  -1.066  1.00 10.00 ? 6  DA  A "C1'"  1 
ATOM   169 N N9     . DA  A 1 6  ? 3.246   -0.764  -0.587  1.00 10.00 ? 6  DA  A N9     1 
ATOM   170 C C8     . DA  A 1 6  ? 2.126   -0.363  -1.232  1.00 10.00 ? 6  DA  A C8     1 
ATOM   171 N N7     . DA  A 1 6  ? 1.623   0.766   -0.841  1.00 10.00 ? 6  DA  A N7     1 
ATOM   172 C C5     . DA  A 1 6  ? 2.417   1.091   0.243   1.00 10.00 ? 6  DA  A C5     1 
ATOM   173 C C6     . DA  A 1 6  ? 2.346   2.141   1.175   1.00 10.00 ? 6  DA  A C6     1 
ATOM   174 N N6     . DA  A 1 6  ? 1.439   3.099   1.061   1.00 10.00 ? 6  DA  A N6     1 
ATOM   175 N N1     . DA  A 1 6  ? 3.167   2.164   2.227   1.00 10.00 ? 6  DA  A N1     1 
ATOM   176 C C2     . DA  A 1 6  ? 4.078   1.195   2.310   1.00 10.00 ? 6  DA  A C2     1 
ATOM   177 N N3     . DA  A 1 6  ? 4.293   0.169   1.476   1.00 10.00 ? 6  DA  A N3     1 
ATOM   178 C C4     . DA  A 1 6  ? 3.398   0.157   0.444   1.00 10.00 ? 6  DA  A C4     1 
ATOM   179 H "H5'"  . DA  A 1 6  ? 4.145   -0.074  -4.106  1.00 10.00 ? 6  DA  A "H5'"  1 
ATOM   180 H "H5''" . DA  A 1 6  ? 4.267   -1.410  -5.258  1.00 10.00 ? 6  DA  A "H5''" 1 
ATOM   181 H "H4'"  . DA  A 1 6  ? 5.954   -1.900  -3.703  1.00 10.00 ? 6  DA  A "H4'"  1 
ATOM   182 H "H3'"  . DA  A 1 6  ? 4.037   -3.725  -3.784  1.00 10.00 ? 6  DA  A "H3'"  1 
ATOM   183 H "H2'"  . DA  A 1 6  ? 2.624   -2.942  -2.209  1.00 10.00 ? 6  DA  A "H2'"  1 
ATOM   184 H "H2''" . DA  A 1 6  ? 3.583   -3.964  -1.100  1.00 10.00 ? 6  DA  A "H2''" 1 
ATOM   185 H "H1'"  . DA  A 1 6  ? 4.706   -2.175  -0.216  1.00 10.00 ? 6  DA  A "H1'"  1 
ATOM   186 H H8     . DA  A 1 6  ? 1.762   -0.959  -2.032  1.00 10.00 ? 6  DA  A H8     1 
ATOM   187 H H61    . DA  A 1 6  ? 1.337   3.845   1.746   1.00 10.00 ? 6  DA  A H61    1 
ATOM   188 H H62    . DA  A 1 6  ? 0.807   3.009   0.283   1.00 10.00 ? 6  DA  A H62    1 
ATOM   189 H H2     . DA  A 1 6  ? 4.734   1.251   3.168   1.00 10.00 ? 6  DA  A H2     1 
ATOM   190 P P      . DA  A 1 7  ? 5.521   -5.746  -2.462  1.00 10.00 ? 7  DA  A P      1 
ATOM   191 O OP1    . DA  A 1 7  ? 6.901   -6.273  -2.474  1.00 10.00 ? 7  DA  A OP1    1 
ATOM   192 O OP2    . DA  A 1 7  ? 4.573   -6.169  -3.515  1.00 10.00 ? 7  DA  A OP2    1 
ATOM   193 O "O5'"  . DA  A 1 7  ? 4.857   -6.142  -1.030  1.00 10.00 ? 7  DA  A "O5'"  1 
ATOM   194 C "C5'"  . DA  A 1 7  ? 5.602   -6.058  0.178   1.00 10.00 ? 7  DA  A "C5'"  1 
ATOM   195 C "C4'"  . DA  A 1 7  ? 4.939   -6.724  1.401   1.00 10.00 ? 7  DA  A "C4'"  1 
ATOM   196 O "O4'"  . DA  A 1 7  ? 3.794   -6.002  1.827   1.00 10.00 ? 7  DA  A "O4'"  1 
ATOM   197 C "C3'"  . DA  A 1 7  ? 4.520   -8.192  1.213   1.00 10.00 ? 7  DA  A "C3'"  1 
ATOM   198 O "O3'"  . DA  A 1 7  ? 4.997   -8.928  2.334   1.00 10.00 ? 7  DA  A "O3'"  1 
ATOM   199 C "C2'"  . DA  A 1 7  ? 2.992   -8.138  1.168   1.00 10.00 ? 7  DA  A "C2'"  1 
ATOM   200 C "C1'"  . DA  A 1 7  ? 2.670   -6.863  1.946   1.00 10.00 ? 7  DA  A "C1'"  1 
ATOM   201 N N9     . DA  A 1 7  ? 1.584   -6.119  1.284   1.00 10.00 ? 7  DA  A N9     1 
ATOM   202 C C8     . DA  A 1 7  ? 1.524   -5.759  -0.032  1.00 10.00 ? 7  DA  A C8     1 
ATOM   203 N N7     . DA  A 1 7  ? 0.624   -4.857  -0.311  1.00 10.00 ? 7  DA  A N7     1 
ATOM   204 C C5     . DA  A 1 7  ? -0.013  -4.659  0.922   1.00 10.00 ? 7  DA  A C5     1 
ATOM   205 C C6     . DA  A 1 7  ? -1.033  -3.788  1.390   1.00 10.00 ? 7  DA  A C6     1 
ATOM   206 N N6     . DA  A 1 7  ? -1.591  -2.782  0.713   1.00 10.00 ? 7  DA  A N6     1 
ATOM   207 N N1     . DA  A 1 7  ? -1.400  -3.815  2.688   1.00 10.00 ? 7  DA  A N1     1 
ATOM   208 C C2     . DA  A 1 7  ? -0.764  -4.654  3.488   1.00 10.00 ? 7  DA  A C2     1 
ATOM   209 N N3     . DA  A 1 7  ? 0.225   -5.492  3.215   1.00 10.00 ? 7  DA  A N3     1 
ATOM   210 C C4     . DA  A 1 7  ? 0.555   -5.446  1.894   1.00 10.00 ? 7  DA  A C4     1 
ATOM   211 H "H5'"  . DA  A 1 7  ? 5.785   -5.008  0.404   1.00 10.00 ? 7  DA  A "H5'"  1 
ATOM   212 H "H5''" . DA  A 1 7  ? 6.566   -6.546  0.030   1.00 10.00 ? 7  DA  A "H5''" 1 
ATOM   213 H "H4'"  . DA  A 1 7  ? 5.686   -6.674  2.198   1.00 10.00 ? 7  DA  A "H4'"  1 
ATOM   214 H "H3'"  . DA  A 1 7  ? 4.917   -8.572  0.270   1.00 10.00 ? 7  DA  A "H3'"  1 
ATOM   215 H "H2'"  . DA  A 1 7  ? 2.679   -8.072  0.136   1.00 10.00 ? 7  DA  A "H2'"  1 
ATOM   216 H "H2''" . DA  A 1 7  ? 2.474   -8.998  1.586   1.00 10.00 ? 7  DA  A "H2''" 1 
ATOM   217 H "H1'"  . DA  A 1 7  ? 2.557   -7.146  2.994   1.00 10.00 ? 7  DA  A "H1'"  1 
ATOM   218 H H8     . DA  A 1 7  ? 2.233   -6.171  -0.746  1.00 10.00 ? 7  DA  A H8     1 
ATOM   219 H H61    . DA  A 1 7  ? -2.444  -2.470  1.150   1.00 10.00 ? 7  DA  A H61    1 
ATOM   220 H H2     . DA  A 1 7  ? -1.086  -4.633  4.519   1.00 10.00 ? 7  DA  A H2     1 
ATOM   221 P P      . DG  A 1 8  ? 5.093   -10.539 2.347   1.00 10.00 ? 8  DG  A P      1 
ATOM   222 O OP1    . DG  A 1 8  ? 5.969   -10.931 3.472   1.00 10.00 ? 8  DG  A OP1    1 
ATOM   223 O OP2    . DG  A 1 8  ? 5.400   -11.003 0.978   1.00 10.00 ? 8  DG  A OP2    1 
ATOM   224 O "O5'"  . DG  A 1 8  ? 3.590   -10.984 2.697   1.00 10.00 ? 8  DG  A "O5'"  1 
ATOM   225 C "C5'"  . DG  A 1 8  ? 3.104   -10.986 4.030   1.00 10.00 ? 8  DG  A "C5'"  1 
ATOM   226 C "C4'"  . DG  A 1 8  ? 1.589   -11.225 4.075   1.00 10.00 ? 8  DG  A "C4'"  1 
ATOM   227 O "O4'"  . DG  A 1 8  ? 0.898   -10.054 3.641   1.00 10.00 ? 8  DG  A "O4'"  1 
ATOM   228 C "C3'"  . DG  A 1 8  ? 1.137   -12.387 3.173   1.00 10.00 ? 8  DG  A "C3'"  1 
ATOM   229 O "O3'"  . DG  A 1 8  ? 0.188   -13.227 3.788   1.00 10.00 ? 8  DG  A "O3'"  1 
ATOM   230 C "C2'"  . DG  A 1 8  ? 0.529   -11.638 2.021   1.00 10.00 ? 8  DG  A "C2'"  1 
ATOM   231 C "C1'"  . DG  A 1 8  ? -0.122  -10.485 2.761   1.00 10.00 ? 8  DG  A "C1'"  1 
ATOM   232 N N9     . DG  A 1 8  ? -0.612  -9.418  1.855   1.00 10.00 ? 8  DG  A N9     1 
ATOM   233 C C8     . DG  A 1 8  ? -0.335  -9.238  0.521   1.00 10.00 ? 8  DG  A C8     1 
ATOM   234 N N7     . DG  A 1 8  ? -0.963  -8.241  -0.034  1.00 10.00 ? 8  DG  A N7     1 
ATOM   235 C C5     . DG  A 1 8  ? -1.745  -7.728  1.002   1.00 10.00 ? 8  DG  A C5     1 
ATOM   236 C C6     . DG  A 1 8  ? -2.664  -6.624  1.036   1.00 10.00 ? 8  DG  A C6     1 
ATOM   237 O O6     . DG  A 1 8  ? -3.007  -5.850  0.141   1.00 10.00 ? 8  DG  A O6     1 
ATOM   238 N N1     . DG  A 1 8  ? -3.219  -6.413  2.280   1.00 10.00 ? 8  DG  A N1     1 
ATOM   239 C C2     . DG  A 1 8  ? -2.967  -7.195  3.366   1.00 10.00 ? 8  DG  A C2     1 
ATOM   240 N N2     . DG  A 1 8  ? -3.536  -6.860  4.498   1.00 10.00 ? 8  DG  A N2     1 
ATOM   241 N N3     . DG  A 1 8  ? -2.146  -8.244  3.372   1.00 10.00 ? 8  DG  A N3     1 
ATOM   242 C C4     . DG  A 1 8  ? -1.543  -8.452  2.161   1.00 10.00 ? 8  DG  A C4     1 
ATOM   243 H "H5'"  . DG  A 1 8  ? 3.327   -10.030 4.505   1.00 10.00 ? 8  DG  A "H5'"  1 
ATOM   244 H "H5''" . DG  A 1 8  ? 3.603   -11.781 4.587   1.00 10.00 ? 8  DG  A "H5''" 1 
ATOM   245 H "H4'"  . DG  A 1 8  ? 1.297   -11.446 5.097   1.00 10.00 ? 8  DG  A "H4'"  1 
ATOM   246 H "H3'"  . DG  A 1 8  ? 1.950   -12.980 2.789   1.00 10.00 ? 8  DG  A "H3'"  1 
ATOM   247 H "H2'"  . DG  A 1 8  ? 1.351   -11.292 1.414   1.00 10.00 ? 8  DG  A "H2'"  1 
ATOM   248 H "H2''" . DG  A 1 8  ? -0.169  -12.236 1.450   1.00 10.00 ? 8  DG  A "H2''" 1 
ATOM   249 H "H1'"  . DG  A 1 8  ? -0.946  -10.895 3.345   1.00 10.00 ? 8  DG  A "H1'"  1 
ATOM   250 H H8     . DG  A 1 8  ? 0.361   -9.859  -0.021  1.00 10.00 ? 8  DG  A H8     1 
ATOM   251 H H1     . DG  A 1 8  ? -3.799  -5.581  2.364   1.00 10.00 ? 8  DG  A H1     1 
ATOM   252 H H21    . DG  A 1 8  ? -4.056  -5.979  4.595   1.00 10.00 ? 8  DG  A H21    1 
ATOM   253 H H22    . DG  A 1 8  ? -3.355  -7.476  5.268   1.00 10.00 ? 8  DG  A H22    1 
ATOM   254 P P      . DG  A 1 9  ? 0.664   -14.431 4.737   1.00 10.00 ? 9  DG  A P      1 
ATOM   255 O OP1    . DG  A 1 9  ? 1.936   -14.043 5.386   1.00 10.00 ? 9  DG  A OP1    1 
ATOM   256 O OP2    . DG  A 1 9  ? 0.564   -15.689 3.969   1.00 10.00 ? 9  DG  A OP2    1 
ATOM   257 O "O5'"  . DG  A 1 9  ? -0.500  -14.378 5.828   1.00 10.00 ? 9  DG  A "O5'"  1 
ATOM   258 C "C5'"  . DG  A 1 9  ? -0.398  -13.546 6.971   1.00 10.00 ? 9  DG  A "C5'"  1 
ATOM   259 C "C4'"  . DG  A 1 9  ? -1.776  -13.159 7.515   1.00 10.00 ? 9  DG  A "C4'"  1 
ATOM   260 O "O4'"  . DG  A 1 9  ? -2.322  -12.113 6.723   1.00 10.00 ? 9  DG  A "O4'"  1 
ATOM   261 C "C3'"  . DG  A 1 9  ? -2.769  -14.322 7.525   1.00 10.00 ? 9  DG  A "C3'"  1 
ATOM   262 O "O3'"  . DG  A 1 9  ? -3.536  -14.264 8.717   1.00 10.00 ? 9  DG  A "O3'"  1 
ATOM   263 C "C2'"  . DG  A 1 9  ? -3.552  -14.083 6.254   1.00 10.00 ? 9  DG  A "C2'"  1 
ATOM   264 C "C1'"  . DG  A 1 9  ? -3.512  -12.567 6.106   1.00 10.00 ? 9  DG  A "C1'"  1 
ATOM   265 N N9     . DG  A 1 9  ? -3.529  -12.129 4.703   1.00 10.00 ? 9  DG  A N9     1 
ATOM   266 C C8     . DG  A 1 9  ? -2.850  -12.679 3.663   1.00 10.00 ? 9  DG  A C8     1 
ATOM   267 N N7     . DG  A 1 9  ? -2.998  -12.049 2.526   1.00 10.00 ? 9  DG  A N7     1 
ATOM   268 C C5     . DG  A 1 9  ? -3.926  -11.043 2.830   1.00 10.00 ? 9  DG  A C5     1 
ATOM   269 C C6     . DG  A 1 9  ? -4.582  -10.050 2.017   1.00 10.00 ? 9  DG  A C6     1 
ATOM   270 O O6     . DG  A 1 9  ? -4.422  -9.734  0.841   1.00 10.00 ? 9  DG  A O6     1 
ATOM   271 N N1     . DG  A 1 9  ? -5.573  -9.365  2.690   1.00 10.00 ? 9  DG  A N1     1 
ATOM   272 C C2     . DG  A 1 9  ? -5.840  -9.519  4.017   1.00 10.00 ? 9  DG  A C2     1 
ATOM   273 N N2     . DG  A 1 9  ? -6.874  -8.899  4.525   1.00 10.00 ? 9  DG  A N2     1 
ATOM   274 N N3     . DG  A 1 9  ? -5.199  -10.360 4.823   1.00 10.00 ? 9  DG  A N3     1 
ATOM   275 C C4     . DG  A 1 9  ? -4.270  -11.110 4.165   1.00 10.00 ? 9  DG  A C4     1 
ATOM   276 H "H5'"  . DG  A 1 9  ? 0.140   -12.629 6.722   1.00 10.00 ? 9  DG  A "H5'"  1 
ATOM   277 H "H5''" . DG  A 1 9  ? 0.162   -14.079 7.739   1.00 10.00 ? 9  DG  A "H5''" 1 
ATOM   278 H "H4'"  . DG  A 1 9  ? -1.651  -12.795 8.529   1.00 10.00 ? 9  DG  A "H4'"  1 
ATOM   279 H "H3'"  . DG  A 1 9  ? -2.266  -15.275 7.414   1.00 10.00 ? 9  DG  A "H3'"  1 
ATOM   280 H "H2'"  . DG  A 1 9  ? -3.060  -14.620 5.452   1.00 10.00 ? 9  DG  A "H2'"  1 
ATOM   281 H "H2''" . DG  A 1 9  ? -4.552  -14.453 6.315   1.00 10.00 ? 9  DG  A "H2''" 1 
ATOM   282 H "H1'"  . DG  A 1 9  ? -4.371  -12.146 6.615   1.00 10.00 ? 9  DG  A "H1'"  1 
ATOM   283 H H8     . DG  A 1 9  ? -2.251  -13.556 3.869   1.00 10.00 ? 9  DG  A H8     1 
ATOM   284 H H1     . DG  A 1 9  ? -6.140  -8.733  2.129   1.00 10.00 ? 9  DG  A H1     1 
ATOM   285 H H21    . DG  A 1 9  ? -7.522  -8.352  3.948   1.00 10.00 ? 9  DG  A H21    1 
ATOM   286 H H22    . DG  A 1 9  ? -7.130  -9.214  5.441   1.00 10.00 ? 9  DG  A H22    1 
ATOM   287 P P      . DG  A 1 10 ? -4.671  -15.355 9.073   1.00 10.00 ? 10 DG  A P      1 
ATOM   288 O OP1    . DG  A 1 10 ? -4.943  -15.288 10.524  1.00 10.00 ? 10 DG  A OP1    1 
ATOM   289 O OP2    . DG  A 1 10 ? -4.312  -16.639 8.434   1.00 10.00 ? 10 DG  A OP2    1 
ATOM   290 O "O5'"  . DG  A 1 10 ? -5.934  -14.734 8.297   1.00 10.00 ? 10 DG  A "O5'"  1 
ATOM   291 C "C5'"  . DG  A 1 10 ? -6.477  -13.490 8.696   1.00 10.00 ? 10 DG  A "C5'"  1 
ATOM   292 C "C4'"  . DG  A 1 10 ? -7.559  -12.993 7.736   1.00 10.00 ? 10 DG  A "C4'"  1 
ATOM   293 O "O4'"  . DG  A 1 10 ? -7.023  -12.558 6.494   1.00 10.00 ? 10 DG  A "O4'"  1 
ATOM   294 C "C3'"  . DG  A 1 10 ? -8.627  -14.049 7.407   1.00 10.00 ? 10 DG  A "C3'"  1 
ATOM   295 O "O3'"  . DG  A 1 10 ? -9.932  -13.738 7.908   1.00 10.00 ? 10 DG  A "O3'"  1 
ATOM   296 C "C2'"  . DG  A 1 10 ? -8.523  -14.208 5.902   1.00 10.00 ? 10 DG  A "C2'"  1 
ATOM   297 C "C1'"  . DG  A 1 10 ? -7.997  -12.832 5.501   1.00 10.00 ? 10 DG  A "C1'"  1 
ATOM   298 N N9     . DG  A 1 10 ? -7.383  -12.834 4.172   1.00 10.00 ? 10 DG  A N9     1 
ATOM   299 C C8     . DG  A 1 10 ? -6.390  -13.655 3.748   1.00 10.00 ? 10 DG  A C8     1 
ATOM   300 N N7     . DG  A 1 10 ? -6.076  -13.535 2.491   1.00 10.00 ? 10 DG  A N7     1 
ATOM   301 C C5     . DG  A 1 10 ? -6.933  -12.518 2.053   1.00 10.00 ? 10 DG  A C5     1 
ATOM   302 C C6     . DG  A 1 10 ? -7.100  -11.917 0.767   1.00 10.00 ? 10 DG  A C6     1 
ATOM   303 O O6     . DG  A 1 10 ? -6.474  -12.121 -0.267  1.00 10.00 ? 10 DG  A O6     1 
ATOM   304 N N1     . DG  A 1 10 ? -8.108  -10.974 0.728   1.00 10.00 ? 10 DG  A N1     1 
ATOM   305 C C2     . DG  A 1 10 ? -8.859  -10.611 1.799   1.00 10.00 ? 10 DG  A C2     1 
ATOM   306 N N2     . DG  A 1 10 ? -9.701  -9.621  1.622   1.00 10.00 ? 10 DG  A N2     1 
ATOM   307 N N3     . DG  A 1 10 ? -8.726  -11.136 3.017   1.00 10.00 ? 10 DG  A N3     1 
ATOM   308 C C4     . DG  A 1 10 ? -7.747  -12.087 3.080   1.00 10.00 ? 10 DG  A C4     1 
ATOM   309 H "H5'"  . DG  A 1 10 ? -5.685  -12.741 8.744   1.00 10.00 ? 10 DG  A "H5'"  1 
ATOM   310 H "H5''" . DG  A 1 10 ? -6.910  -13.602 9.691   1.00 10.00 ? 10 DG  A "H5''" 1 
ATOM   311 H "H4'"  . DG  A 1 10 ? -8.031  -12.148 8.219   1.00 10.00 ? 10 DG  A "H4'"  1 
ATOM   312 H "H3'"  . DG  A 1 10 ? -8.317  -15.011 7.801   1.00 10.00 ? 10 DG  A "H3'"  1 
ATOM   313 H "H2'"  . DG  A 1 10 ? -7.774  -14.974 5.700   1.00 10.00 ? 10 DG  A "H2'"  1 
ATOM   314 H "H2''" . DG  A 1 10 ? -9.469  -14.488 5.447   1.00 10.00 ? 10 DG  A "H2''" 1 
ATOM   315 H "H1'"  . DG  A 1 10 ? -8.801  -12.106 5.511   1.00 10.00 ? 10 DG  A "H1'"  1 
ATOM   316 H H8     . DG  A 1 10 ? -5.967  -14.337 4.457   1.00 10.00 ? 10 DG  A H8     1 
ATOM   317 H H1     . DG  A 1 10 ? -8.186  -10.414 -0.113  1.00 10.00 ? 10 DG  A H1     1 
ATOM   318 H H21    . DG  A 1 10 ? -9.745  -9.094  0.743   1.00 10.00 ? 10 DG  A H21    1 
ATOM   319 H H22    . DG  A 1 10 ? -10.075 -9.240  2.474   1.00 10.00 ? 10 DG  A H22    1 
ATOM   320 P P      . DC  A 1 11 ? -10.824 -12.415 7.561   1.00 10.00 ? 11 DC  A P      1 
ATOM   321 O OP1    . DC  A 1 11 ? -9.957  -11.229 7.409   1.00 10.00 ? 11 DC  A OP1    1 
ATOM   322 O OP2    . DC  A 1 11 ? -11.939 -12.372 8.531   1.00 10.00 ? 11 DC  A OP2    1 
ATOM   323 O "O5'"  . DC  A 1 11 ? -11.449 -12.735 6.120   1.00 10.00 ? 11 DC  A "O5'"  1 
ATOM   324 C "C5'"  . DC  A 1 11 ? -12.506 -11.937 5.607   1.00 10.00 ? 11 DC  A "C5'"  1 
ATOM   325 C "C4'"  . DC  A 1 11 ? -13.047 -12.489 4.285   1.00 10.00 ? 11 DC  A "C4'"  1 
ATOM   326 O "O4'"  . DC  A 1 11 ? -12.090 -12.340 3.261   1.00 10.00 ? 11 DC  A "O4'"  1 
ATOM   327 C "C3'"  . DC  A 1 11 ? -13.448 -13.953 4.377   1.00 10.00 ? 11 DC  A "C3'"  1 
ATOM   328 O "O3'"  . DC  A 1 11 ? -14.857 -14.004 4.559   1.00 10.00 ? 11 DC  A "O3'"  1 
ATOM   329 C "C2'"  . DC  A 1 11 ? -12.919 -14.535 3.061   1.00 10.00 ? 11 DC  A "C2'"  1 
ATOM   330 C "C1'"  . DC  A 1 11 ? -12.366 -13.320 2.291   1.00 10.00 ? 11 DC  A "C1'"  1 
ATOM   331 N N1     . DC  A 1 11 ? -11.093 -13.656 1.630   1.00 10.00 ? 11 DC  A N1     1 
ATOM   332 C C2     . DC  A 1 11 ? -10.960 -13.634 0.241   1.00 10.00 ? 11 DC  A C2     1 
ATOM   333 O O2     . DC  A 1 11 ? -11.805 -13.104 -0.476  1.00 10.00 ? 11 DC  A O2     1 
ATOM   334 N N3     . DC  A 1 11 ? -9.849  -14.166 -0.332  1.00 10.00 ? 11 DC  A N3     1 
ATOM   335 C C4     . DC  A 1 11 ? -8.938  -14.743 0.442   1.00 10.00 ? 11 DC  A C4     1 
ATOM   336 N N4     . DC  A 1 11 ? -7.813  -15.070 -0.131  1.00 10.00 ? 11 DC  A N4     1 
ATOM   337 C C5     . DC  A 1 11 ? -9.035  -14.759 1.864   1.00 10.00 ? 11 DC  A C5     1 
ATOM   338 C C6     . DC  A 1 11 ? -10.083 -14.132 2.406   1.00 10.00 ? 11 DC  A C6     1 
ATOM   339 H "H5'"  . DC  A 1 11 ? -12.142 -10.922 5.452   1.00 10.00 ? 11 DC  A "H5'"  1 
ATOM   340 H "H5''" . DC  A 1 11 ? -13.321 -11.921 6.332   1.00 10.00 ? 11 DC  A "H5''" 1 
ATOM   341 H "H4'"  . DC  A 1 11 ? -13.941 -11.958 3.984   1.00 10.00 ? 11 DC  A "H4'"  1 
ATOM   342 H "H3'"  . DC  A 1 11 ? -12.915 -14.389 5.224   1.00 10.00 ? 11 DC  A "H3'"  1 
ATOM   343 H "H2'"  . DC  A 1 11 ? -12.124 -15.232 3.346   1.00 10.00 ? 11 DC  A "H2'"  1 
ATOM   344 H "H2''" . DC  A 1 11 ? -13.669 -15.054 2.454   1.00 10.00 ? 11 DC  A "H2''" 1 
ATOM   345 H "H1'"  . DC  A 1 11 ? -13.094 -12.942 1.572   1.00 10.00 ? 11 DC  A "H1'"  1 
ATOM   346 H H41    . DC  A 1 11 ? -7.737  -14.731 -1.087  1.00 10.00 ? 11 DC  A H41    1 
ATOM   347 H H42    . DC  A 1 11 ? -7.011  -15.187 0.460   1.00 10.00 ? 11 DC  A H42    1 
ATOM   348 H H5     . DC  A 1 11 ? -8.336  -15.142 2.580   1.00 10.00 ? 11 DC  A H5     1 
ATOM   349 H H6     . DC  A 1 11 ? -10.129 -14.002 3.470   1.00 10.00 ? 11 DC  A H6     1 
ATOM   350 P P      . DA  A 1 12 ? -15.700 -15.373 4.668   1.00 10.00 ? 12 DA  A P      1 
ATOM   351 O OP1    . DA  A 1 12 ? -16.910 -15.093 5.471   1.00 10.00 ? 12 DA  A OP1    1 
ATOM   352 O OP2    . DA  A 1 12 ? -14.781 -16.461 5.064   1.00 10.00 ? 12 DA  A OP2    1 
ATOM   353 O "O5'"  . DA  A 1 12 ? -16.175 -15.644 3.148   1.00 10.00 ? 12 DA  A "O5'"  1 
ATOM   354 C "C5'"  . DA  A 1 12 ? -17.180 -14.868 2.505   1.00 10.00 ? 12 DA  A "C5'"  1 
ATOM   355 C "C4'"  . DA  A 1 12 ? -16.752 -13.404 2.287   1.00 10.00 ? 12 DA  A "C4'"  1 
ATOM   356 O "O4'"  . DA  A 1 12 ? -15.469 -13.368 1.699   1.00 10.00 ? 12 DA  A "O4'"  1 
ATOM   357 C "C3'"  . DA  A 1 12 ? -17.680 -12.660 1.316   1.00 10.00 ? 12 DA  A "C3'"  1 
ATOM   358 O "O3'"  . DA  A 1 12 ? -17.641 -11.257 1.525   1.00 10.00 ? 12 DA  A "O3'"  1 
ATOM   359 C "C2'"  . DA  A 1 12 ? -17.044 -12.994 -0.042  1.00 10.00 ? 12 DA  A "C2'"  1 
ATOM   360 C "C1'"  . DA  A 1 12 ? -15.548 -13.137 0.314   1.00 10.00 ? 12 DA  A "C1'"  1 
ATOM   361 N N9     . DA  A 1 12 ? -14.924 -14.275 -0.398  1.00 10.00 ? 12 DA  A N9     1 
ATOM   362 C C8     . DA  A 1 12 ? -14.769 -15.566 0.049   1.00 10.00 ? 12 DA  A C8     1 
ATOM   363 N N7     . DA  A 1 12 ? -14.224 -16.379 -0.810  1.00 10.00 ? 12 DA  A N7     1 
ATOM   364 C C5     . DA  A 1 12 ? -13.977 -15.549 -1.905  1.00 10.00 ? 12 DA  A C5     1 
ATOM   365 C C6     . DA  A 1 12 ? -13.414 -15.755 -3.181  1.00 10.00 ? 12 DA  A C6     1 
ATOM   366 N N6     . DA  A 1 12 ? -12.988 -16.919 -3.637  1.00 10.00 ? 12 DA  A N6     1 
ATOM   367 N N1     . DA  A 1 12 ? -13.264 -14.740 -4.035  1.00 10.00 ? 12 DA  A N1     1 
ATOM   368 C C2     . DA  A 1 12 ? -13.711 -13.544 -3.666  1.00 10.00 ? 12 DA  A C2     1 
ATOM   369 N N3     . DA  A 1 12 ? -14.307 -13.207 -2.524  1.00 10.00 ? 12 DA  A N3     1 
ATOM   370 C C4     . DA  A 1 12 ? -14.393 -14.265 -1.668  1.00 10.00 ? 12 DA  A C4     1 
ATOM   371 H "H5'"  . DA  A 1 12 ? -18.092 -14.891 3.105   1.00 10.00 ? 12 DA  A "H5'"  1 
ATOM   372 H "H5''" . DA  A 1 12 ? -17.394 -15.328 1.541   1.00 10.00 ? 12 DA  A "H5''" 1 
ATOM   373 H "H4'"  . DA  A 1 12 ? -16.717 -12.891 3.245   1.00 10.00 ? 12 DA  A "H4'"  1 
ATOM   374 H "H3'"  . DA  A 1 12 ? -18.708 -13.035 1.419   1.00 10.00 ? 12 DA  A "H3'"  1 
ATOM   375 H "HO3'" . DA  A 1 12 ? -18.023 -11.045 2.380   1.00 10.00 ? 12 DA  A "HO3'" 1 
ATOM   376 H "H2'"  . DA  A 1 12 ? -17.488 -13.936 -0.408  1.00 10.00 ? 12 DA  A "H2'"  1 
ATOM   377 H "H2''" . DA  A 1 12 ? -17.167 -12.203 -0.794  1.00 10.00 ? 12 DA  A "H2''" 1 
ATOM   378 H "H1'"  . DA  A 1 12 ? -14.971 -12.214 0.152   1.00 10.00 ? 12 DA  A "H1'"  1 
ATOM   379 H H8     . DA  A 1 12 ? -15.071 -15.871 1.039   1.00 10.00 ? 12 DA  A H8     1 
ATOM   380 H H61    . DA  A 1 12 ? -12.599 -16.939 -4.561  1.00 10.00 ? 12 DA  A H61    1 
ATOM   381 H H62    . DA  A 1 12 ? -12.978 -17.708 -3.010  1.00 10.00 ? 12 DA  A H62    1 
ATOM   382 H H2     . DA  A 1 12 ? -13.584 -12.748 -4.388  1.00 10.00 ? 12 DA  A H2     1 
ATOM   383 O "O5'"  . DT  B 2 1  ? -5.935  -13.994 -11.663 1.00 10.00 ? 13 DT  B "O5'"  1 
ATOM   384 C "C5'"  . DT  B 2 1  ? -6.436  -14.842 -10.626 1.00 10.00 ? 13 DT  B "C5'"  1 
ATOM   385 C "C4'"  . DT  B 2 1  ? -7.596  -14.209 -9.847  1.00 10.00 ? 13 DT  B "C4'"  1 
ATOM   386 O "O4'"  . DT  B 2 1  ? -8.195  -15.056 -8.878  1.00 10.00 ? 13 DT  B "O4'"  1 
ATOM   387 C "C3'"  . DT  B 2 1  ? -7.100  -12.993 -9.055  1.00 10.00 ? 13 DT  B "C3'"  1 
ATOM   388 O "O3'"  . DT  B 2 1  ? -7.808  -11.845 -9.450  1.00 10.00 ? 13 DT  B "O3'"  1 
ATOM   389 C "C2'"  . DT  B 2 1  ? -7.542  -13.237 -7.628  1.00 10.00 ? 13 DT  B "C2'"  1 
ATOM   390 C "C1'"  . DT  B 2 1  ? -8.685  -14.188 -7.864  1.00 10.00 ? 13 DT  B "C1'"  1 
ATOM   391 N N1     . DT  B 2 1  ? -9.026  -14.885 -6.612  1.00 10.00 ? 13 DT  B N1     1 
ATOM   392 C C2     . DT  B 2 1  ? -10.236 -14.590 -5.981  1.00 10.00 ? 13 DT  B C2     1 
ATOM   393 O O2     . DT  B 2 1  ? -11.076 -13.830 -6.447  1.00 10.00 ? 13 DT  B O2     1 
ATOM   394 N N3     . DT  B 2 1  ? -10.460 -15.210 -4.771  1.00 10.00 ? 13 DT  B N3     1 
ATOM   395 C C4     . DT  B 2 1  ? -9.593  -16.083 -4.140  1.00 10.00 ? 13 DT  B C4     1 
ATOM   396 O O4     . DT  B 2 1  ? -9.941  -16.606 -3.088  1.00 10.00 ? 13 DT  B O4     1 
ATOM   397 C C5     . DT  B 2 1  ? -8.327  -16.306 -4.844  1.00 10.00 ? 13 DT  B C5     1 
ATOM   398 C C7     . DT  B 2 1  ? -7.269  -17.213 -4.248  1.00 10.00 ? 13 DT  B C7     1 
ATOM   399 C C6     . DT  B 2 1  ? -8.090  -15.706 -6.040  1.00 10.00 ? 13 DT  B C6     1 
ATOM   400 H "H5'"  . DT  B 2 1  ? -5.630  -15.082 -9.931  1.00 10.00 ? 13 DT  B "H5'"  1 
ATOM   401 H "H5''" . DT  B 2 1  ? -6.787  -15.772 -11.074 1.00 10.00 ? 13 DT  B "H5''" 1 
ATOM   402 H "H4'"  . DT  B 2 1  ? -8.372  -13.911 -10.555 1.00 10.00 ? 13 DT  B "H4'"  1 
ATOM   403 H "H3'"  . DT  B 2 1  ? -6.012  -12.883 -9.115  1.00 10.00 ? 13 DT  B "H3'"  1 
ATOM   404 H "H2'"  . DT  B 2 1  ? -6.753  -13.687 -7.015  1.00 10.00 ? 13 DT  B "H2'"  1 
ATOM   405 H "H2''" . DT  B 2 1  ? -7.950  -12.332 -7.194  1.00 10.00 ? 13 DT  B "H2''" 1 
ATOM   406 H "H1'"  . DT  B 2 1  ? -9.518  -13.569 -8.202  1.00 10.00 ? 13 DT  B "H1'"  1 
ATOM   407 H H3     . DT  B 2 1  ? -11.355 -15.007 -4.341  1.00 10.00 ? 13 DT  B H3     1 
ATOM   408 H H71    . DT  B 2 1  ? -7.519  -18.252 -4.465  1.00 10.00 ? 13 DT  B H71    1 
ATOM   409 H H72    . DT  B 2 1  ? -6.289  -16.977 -4.660  1.00 10.00 ? 13 DT  B H72    1 
ATOM   410 H H73    . DT  B 2 1  ? -7.242  -17.072 -3.166  1.00 10.00 ? 13 DT  B H73    1 
ATOM   411 H H6     . DT  B 2 1  ? -7.167  -15.807 -6.604  1.00 10.00 ? 13 DT  B H6     1 
ATOM   412 H "HO5'" . DT  B 2 1  ? -6.093  -13.000 -11.508 1.00 10.00 ? 13 DT  B "HO5'" 1 
ATOM   413 P P      . DG  B 2 2  ? -7.712  -11.259 -10.919 1.00 10.00 ? 14 DG  B P      1 
ATOM   414 O OP1    . DG  B 2 2  ? -8.874  -11.743 -11.688 1.00 10.00 ? 14 DG  B OP1    1 
ATOM   415 O OP2    . DG  B 2 2  ? -6.339  -11.571 -11.390 1.00 10.00 ? 14 DG  B OP2    1 
ATOM   416 O "O5'"  . DG  B 2 2  ? -7.915  -9.707  -10.554 1.00 10.00 ? 14 DG  B "O5'"  1 
ATOM   417 C "C5'"  . DG  B 2 2  ? -9.183  -9.257  -10.075 1.00 10.00 ? 14 DG  B "C5'"  1 
ATOM   418 C "C4'"  . DG  B 2 2  ? -9.189  -8.748  -8.623  1.00 10.00 ? 14 DG  B "C4'"  1 
ATOM   419 O "O4'"  . DG  B 2 2  ? -9.112  -9.758  -7.611  1.00 10.00 ? 14 DG  B "O4'"  1 
ATOM   420 C "C3'"  . DG  B 2 2  ? -8.114  -7.710  -8.350  1.00 10.00 ? 14 DG  B "C3'"  1 
ATOM   421 O "O3'"  . DG  B 2 2  ? -8.769  -6.467  -8.164  1.00 10.00 ? 14 DG  B "O3'"  1 
ATOM   422 C "C2'"  . DG  B 2 2  ? -7.421  -8.291  -7.118  1.00 10.00 ? 14 DG  B "C2'"  1 
ATOM   423 C "C1'"  . DG  B 2 2  ? -8.440  -9.222  -6.477  1.00 10.00 ? 14 DG  B "C1'"  1 
ATOM   424 N N9     . DG  B 2 2  ? -7.874  -10.288 -5.601  1.00 10.00 ? 14 DG  B N9     1 
ATOM   425 C C8     . DG  B 2 2  ? -6.628  -10.859 -5.646  1.00 10.00 ? 14 DG  B C8     1 
ATOM   426 N N7     . DG  B 2 2  ? -6.440  -11.852 -4.824  1.00 10.00 ? 14 DG  B N7     1 
ATOM   427 C C5     . DG  B 2 2  ? -7.654  -11.938 -4.138  1.00 10.00 ? 14 DG  B C5     1 
ATOM   428 C C6     . DG  B 2 2  ? -8.104  -12.863 -3.134  1.00 10.00 ? 14 DG  B C6     1 
ATOM   429 O O6     . DG  B 2 2  ? -7.543  -13.854 -2.664  1.00 10.00 ? 14 DG  B O6     1 
ATOM   430 N N1     . DG  B 2 2  ? -9.376  -12.583 -2.674  1.00 10.00 ? 14 DG  B N1     1 
ATOM   431 C C2     . DG  B 2 2  ? -10.145 -11.558 -3.135  1.00 10.00 ? 14 DG  B C2     1 
ATOM   432 N N2     . DG  B 2 2  ? -11.325 -11.410 -2.583  1.00 10.00 ? 14 DG  B N2     1 
ATOM   433 N N3     . DG  B 2 2  ? -9.781  -10.710 -4.102  1.00 10.00 ? 14 DG  B N3     1 
ATOM   434 C C4     . DG  B 2 2  ? -8.520  -10.953 -4.574  1.00 10.00 ? 14 DG  B C4     1 
ATOM   435 H "H5'"  . DG  B 2 2  ? -9.931  -10.047 -10.161 1.00 10.00 ? 14 DG  B "H5'"  1 
ATOM   436 H "H5''" . DG  B 2 2  ? -9.505  -8.435  -10.713 1.00 10.00 ? 14 DG  B "H5''" 1 
ATOM   437 H "H4'"  . DG  B 2 2  ? -10.122 -8.216  -8.500  1.00 10.00 ? 14 DG  B "H4'"  1 
ATOM   438 H "H3'"  . DG  B 2 2  ? -7.447  -7.649  -9.200  1.00 10.00 ? 14 DG  B "H3'"  1 
ATOM   439 H "H2'"  . DG  B 2 2  ? -6.575  -8.867  -7.453  1.00 10.00 ? 14 DG  B "H2'"  1 
ATOM   440 H "H2''" . DG  B 2 2  ? -7.112  -7.516  -6.434  1.00 10.00 ? 14 DG  B "H2''" 1 
ATOM   441 H "H1'"  . DG  B 2 2  ? -9.091  -8.613  -5.861  1.00 10.00 ? 14 DG  B "H1'"  1 
ATOM   442 H H8     . DG  B 2 2  ? -5.901  -10.574 -6.380  1.00 10.00 ? 14 DG  B H8     1 
ATOM   443 H H1     . DG  B 2 2  ? -9.707  -13.179 -1.922  1.00 10.00 ? 14 DG  B H1     1 
ATOM   444 H H21    . DG  B 2 2  ? -11.637 -12.032 -1.826  1.00 10.00 ? 14 DG  B H21    1 
ATOM   445 H H22    . DG  B 2 2  ? -11.880 -10.643 -2.912  1.00 10.00 ? 14 DG  B H22    1 
ATOM   446 P P      . DC  B 2 3  ? -8.041  -5.112  -7.686  1.00 10.00 ? 15 DC  B P      1 
ATOM   447 O OP1    . DC  B 2 3  ? -8.564  -3.989  -8.492  1.00 10.00 ? 15 DC  B OP1    1 
ATOM   448 O OP2    . DC  B 2 3  ? -6.582  -5.339  -7.579  1.00 10.00 ? 15 DC  B OP2    1 
ATOM   449 O "O5'"  . DC  B 2 3  ? -8.672  -5.029  -6.207  1.00 10.00 ? 15 DC  B "O5'"  1 
ATOM   450 C "C5'"  . DC  B 2 3  ? -10.078 -4.887  -6.047  1.00 10.00 ? 15 DC  B "C5'"  1 
ATOM   451 C "C4'"  . DC  B 2 3  ? -10.494 -4.939  -4.578  1.00 10.00 ? 15 DC  B "C4'"  1 
ATOM   452 O "O4'"  . DC  B 2 3  ? -10.278 -6.229  -4.031  1.00 10.00 ? 15 DC  B "O4'"  1 
ATOM   453 C "C3'"  . DC  B 2 3  ? -9.860  -3.845  -3.731  1.00 10.00 ? 15 DC  B "C3'"  1 
ATOM   454 O "O3'"  . DC  B 2 3  ? -10.854 -3.190  -2.954  1.00 10.00 ? 15 DC  B "O3'"  1 
ATOM   455 C "C2'"  . DC  B 2 3  ? -8.983  -4.728  -2.848  1.00 10.00 ? 15 DC  B "C2'"  1 
ATOM   456 C "C1'"  . DC  B 2 3  ? -9.683  -6.083  -2.766  1.00 10.00 ? 15 DC  B "C1'"  1 
ATOM   457 N N1     . DC  B 2 3  ? -8.761  -7.230  -2.584  1.00 10.00 ? 15 DC  B N1     1 
ATOM   458 C C2     . DC  B 2 3  ? -8.857  -8.082  -1.475  1.00 10.00 ? 15 DC  B C2     1 
ATOM   459 O O2     . DC  B 2 3  ? -9.770  -7.996  -0.655  1.00 10.00 ? 15 DC  B O2     1 
ATOM   460 N N3     . DC  B 2 3  ? -7.909  -9.038  -1.277  1.00 10.00 ? 15 DC  B N3     1 
ATOM   461 C C4     . DC  B 2 3  ? -6.872  -9.094  -2.095  1.00 10.00 ? 15 DC  B C4     1 
ATOM   462 N N4     . DC  B 2 3  ? -5.972  -10.027 -1.922  1.00 10.00 ? 15 DC  B N4     1 
ATOM   463 C C5     . DC  B 2 3  ? -6.752  -8.258  -3.231  1.00 10.00 ? 15 DC  B C5     1 
ATOM   464 C C6     . DC  B 2 3  ? -7.757  -7.403  -3.493  1.00 10.00 ? 15 DC  B C6     1 
ATOM   465 H "H5'"  . DC  B 2 3  ? -10.590 -5.692  -6.577  1.00 10.00 ? 15 DC  B "H5'"  1 
ATOM   466 H "H5''" . DC  B 2 3  ? -10.393 -3.935  -6.476  1.00 10.00 ? 15 DC  B "H5''" 1 
ATOM   467 H "H4'"  . DC  B 2 3  ? -11.541 -4.787  -4.481  1.00 10.00 ? 15 DC  B "H4'"  1 
ATOM   468 H "H3'"  . DC  B 2 3  ? -9.346  -3.077  -4.343  1.00 10.00 ? 15 DC  B "H3'"  1 
ATOM   469 H "H2'"  . DC  B 2 3  ? -7.964  -4.819  -3.239  1.00 10.00 ? 15 DC  B "H2'"  1 
ATOM   470 H "H2''" . DC  B 2 3  ? -9.040  -4.322  -1.863  1.00 10.00 ? 15 DC  B "H2''" 1 
ATOM   471 H "H1'"  . DC  B 2 3  ? -10.406 -6.026  -1.946  1.00 10.00 ? 15 DC  B "H1'"  1 
ATOM   472 H H41    . DC  B 2 3  ? -6.103  -10.706 -1.174  1.00 10.00 ? 15 DC  B H41    1 
ATOM   473 H H42    . DC  B 2 3  ? -5.232  -10.145 -2.585  1.00 10.00 ? 15 DC  B H42    1 
ATOM   474 H H5     . DC  B 2 3  ? -5.915  -8.316  -3.877  1.00 10.00 ? 15 DC  B H5     1 
ATOM   475 H H6     . DC  B 2 3  ? -7.784  -6.831  -4.410  1.00 10.00 ? 15 DC  B H6     1 
ATOM   476 P P      . DC  B 2 4  ? -10.493 -1.979  -1.939  1.00 10.00 ? 16 DC  B P      1 
ATOM   477 O OP1    . DC  B 2 4  ? -11.606 -1.008  -1.962  1.00 10.00 ? 16 DC  B OP1    1 
ATOM   478 O OP2    . DC  B 2 4  ? -9.110  -1.532  -2.213  1.00 10.00 ? 16 DC  B OP2    1 
ATOM   479 O "O5'"  . DC  B 2 4  ? -10.491 -2.727  -0.506  1.00 10.00 ? 16 DC  B "O5'"  1 
ATOM   480 C "C5'"  . DC  B 2 4  ? -11.699 -3.215  0.050   1.00 10.00 ? 16 DC  B "C5'"  1 
ATOM   481 C "C4'"  . DC  B 2 4  ? -11.570 -3.654  1.515   1.00 10.00 ? 16 DC  B "C4'"  1 
ATOM   482 O "O4'"  . DC  B 2 4  ? -11.037 -4.950  1.684   1.00 10.00 ? 16 DC  B "O4'"  1 
ATOM   483 C "C3'"  . DC  B 2 4  ? -10.871 -2.662  2.432   1.00 10.00 ? 16 DC  B "C3'"  1 
ATOM   484 O "O3'"  . DC  B 2 4  ? -11.692 -2.398  3.562   1.00 10.00 ? 16 DC  B "O3'"  1 
ATOM   485 C "C2'"  . DC  B 2 4  ? -9.644  -3.426  2.880   1.00 10.00 ? 16 DC  B "C2'"  1 
ATOM   486 C "C1'"  . DC  B 2 4  ? -9.924  -4.884  2.545   1.00 10.00 ? 16 DC  B "C1'"  1 
ATOM   487 N N1     . DC  B 2 4  ? -8.843  -5.590  1.853   1.00 10.00 ? 16 DC  B N1     1 
ATOM   488 C C2     . DC  B 2 4  ? -8.321  -6.795  2.326   1.00 10.00 ? 16 DC  B C2     1 
ATOM   489 O O2     . DC  B 2 4  ? -8.804  -7.361  3.307   1.00 10.00 ? 16 DC  B O2     1 
ATOM   490 N N3     . DC  B 2 4  ? -7.226  -7.340  1.727   1.00 10.00 ? 16 DC  B N3     1 
ATOM   491 C C4     . DC  B 2 4  ? -6.631  -6.673  0.751   1.00 10.00 ? 16 DC  B C4     1 
ATOM   492 N N4     . DC  B 2 4  ? -5.556  -7.199  0.208   1.00 10.00 ? 16 DC  B N4     1 
ATOM   493 C C5     . DC  B 2 4  ? -7.133  -5.418  0.301   1.00 10.00 ? 16 DC  B C5     1 
ATOM   494 C C6     . DC  B 2 4  ? -8.276  -4.964  0.809   1.00 10.00 ? 16 DC  B C6     1 
ATOM   495 H "H5'"  . DC  B 2 4  ? -12.066 -4.052  -0.546  1.00 10.00 ? 16 DC  B "H5'"  1 
ATOM   496 H "H5''" . DC  B 2 4  ? -12.442 -2.416  0.010   1.00 10.00 ? 16 DC  B "H5''" 1 
ATOM   497 H "H4'"  . DC  B 2 4  ? -12.560 -3.711  1.893   1.00 10.00 ? 16 DC  B "H4'"  1 
ATOM   498 H "H3'"  . DC  B 2 4  ? -10.601 -1.772  1.857   1.00 10.00 ? 16 DC  B "H3'"  1 
ATOM   499 H "H2'"  . DC  B 2 4  ? -8.802  -3.049  2.337   1.00 10.00 ? 16 DC  B "H2'"  1 
ATOM   500 H "H2''" . DC  B 2 4  ? -9.485  -3.330  3.950   1.00 10.00 ? 16 DC  B "H2''" 1 
ATOM   501 H "H1'"  . DC  B 2 4  ? -10.076 -5.349  3.491   1.00 10.00 ? 16 DC  B "H1'"  1 
ATOM   502 H H41    . DC  B 2 4  ? -5.245  -8.140  0.447   1.00 10.00 ? 16 DC  B H41    1 
ATOM   503 H H42    . DC  B 2 4  ? -4.969  -6.618  -0.371  1.00 10.00 ? 16 DC  B H42    1 
ATOM   504 H H5     . DC  B 2 4  ? -6.727  -4.722  -0.370  1.00 10.00 ? 16 DC  B H5     1 
ATOM   505 H H6     . DC  B 2 4  ? -8.719  -4.056  0.446   1.00 10.00 ? 16 DC  B H6     1 
ATOM   506 P P      . DC  B 2 5  ? -11.546 -1.056  4.444   1.00 10.00 ? 17 DC  B P      1 
ATOM   507 O OP1    . DC  B 2 5  ? -12.553 -1.116  5.526   1.00 10.00 ? 17 DC  B OP1    1 
ATOM   508 O OP2    . DC  B 2 5  ? -11.535 0.086   3.509   1.00 10.00 ? 17 DC  B OP2    1 
ATOM   509 O "O5'"  . DC  B 2 5  ? -10.081 -1.165  5.115   1.00 10.00 ? 17 DC  B "O5'"  1 
ATOM   510 C "C5'"  . DC  B 2 5  ? -9.850  -1.876  6.327   1.00 10.00 ? 17 DC  B "C5'"  1 
ATOM   511 C "C4'"  . DC  B 2 5  ? -8.342  -1.973  6.612   1.00 10.00 ? 17 DC  B "C4'"  1 
ATOM   512 O "O4'"  . DC  B 2 5  ? -7.728  -2.771  5.613   1.00 10.00 ? 17 DC  B "O4'"  1 
ATOM   513 C "C3'"  . DC  B 2 5  ? -7.653  -0.615  6.669   1.00 10.00 ? 17 DC  B "C3'"  1 
ATOM   514 O "O3'"  . DC  B 2 5  ? -7.257  -0.253  7.983   1.00 10.00 ? 17 DC  B "O3'"  1 
ATOM   515 C "C2'"  . DC  B 2 5  ? -6.450  -0.816  5.767   1.00 10.00 ? 17 DC  B "C2'"  1 
ATOM   516 C "C1'"  . DC  B 2 5  ? -6.421  -2.300  5.396   1.00 10.00 ? 17 DC  B "C1'"  1 
ATOM   517 N N1     . DC  B 2 5  ? -5.989  -2.644  4.021   1.00 10.00 ? 17 DC  B N1     1 
ATOM   518 C C2     . DC  B 2 5  ? -5.092  -3.697  3.820   1.00 10.00 ? 17 DC  B C2     1 
ATOM   519 O O2     . DC  B 2 5  ? -4.676  -4.381  4.756   1.00 10.00 ? 17 DC  B O2     1 
ATOM   520 N N3     . DC  B 2 5  ? -4.666  -3.993  2.569   1.00 10.00 ? 17 DC  B N3     1 
ATOM   521 C C4     . DC  B 2 5  ? -5.133  -3.296  1.548   1.00 10.00 ? 17 DC  B C4     1 
ATOM   522 N N4     . DC  B 2 5  ? -4.604  -3.590  0.386   1.00 10.00 ? 17 DC  B N4     1 
ATOM   523 C C5     . DC  B 2 5  ? -6.164  -2.312  1.680   1.00 10.00 ? 17 DC  B C5     1 
ATOM   524 C C6     . DC  B 2 5  ? -6.550  -2.010  2.950   1.00 10.00 ? 17 DC  B C6     1 
ATOM   525 H "H5'"  . DC  B 2 5  ? -10.265 -2.881  6.248   1.00 10.00 ? 17 DC  B "H5'"  1 
ATOM   526 H "H5''" . DC  B 2 5  ? -10.343 -1.353  7.148   1.00 10.00 ? 17 DC  B "H5''" 1 
ATOM   527 H "H4'"  . DC  B 2 5  ? -8.158  -2.433  7.571   1.00 10.00 ? 17 DC  B "H4'"  1 
ATOM   528 H "H3'"  . DC  B 2 5  ? -8.324  0.135   6.241   1.00 10.00 ? 17 DC  B "H3'"  1 
ATOM   529 H "H2'"  . DC  B 2 5  ? -6.545  -0.054  5.011   1.00 10.00 ? 17 DC  B "H2'"  1 
ATOM   530 H "H2''" . DC  B 2 5  ? -5.511  -0.653  6.239   1.00 10.00 ? 17 DC  B "H2''" 1 
ATOM   531 H "H1'"  . DC  B 2 5  ? -5.726  -2.780  6.094   1.00 10.00 ? 17 DC  B "H1'"  1 
ATOM   532 H H41    . DC  B 2 5  ? -3.914  -4.343  0.355   1.00 10.00 ? 17 DC  B H41    1 
ATOM   533 H H42    . DC  B 2 5  ? -4.848  -3.068  -0.427  1.00 10.00 ? 17 DC  B H42    1 
ATOM   534 H H5     . DC  B 2 5  ? -6.614  -1.835  0.815   1.00 10.00 ? 17 DC  B H5     1 
ATOM   535 H H6     . DC  B 2 5  ? -7.329  -1.311  3.214   1.00 10.00 ? 17 DC  B H6     1 
ATOM   536 P P      . DT  B 2 6  ? -6.591  1.190   8.303   1.00 10.00 ? 18 DT  B P      1 
ATOM   537 O OP1    . DT  B 2 6  ? -7.080  1.640   9.622   1.00 10.00 ? 18 DT  B OP1    1 
ATOM   538 O OP2    . DT  B 2 6  ? -6.759  2.056   7.116   1.00 10.00 ? 18 DT  B OP2    1 
ATOM   539 O "O5'"  . DT  B 2 6  ? -5.015  0.880   8.423   1.00 10.00 ? 18 DT  B "O5'"  1 
ATOM   540 C "C5'"  . DT  B 2 6  ? -4.464  0.210   9.547   1.00 10.00 ? 18 DT  B "C5'"  1 
ATOM   541 C "C4'"  . DT  B 2 6  ? -2.928  0.198   9.486   1.00 10.00 ? 18 DT  B "C4'"  1 
ATOM   542 O "O4'"  . DT  B 2 6  ? -2.501  -0.527  8.353   1.00 10.00 ? 18 DT  B "O4'"  1 
ATOM   543 C "C3'"  . DT  B 2 6  ? -2.323  1.596   9.417   1.00 10.00 ? 18 DT  B "C3'"  1 
ATOM   544 O "O3'"  . DT  B 2 6  ? -1.058  1.641   10.053  1.00 10.00 ? 18 DT  B "O3'"  1 
ATOM   545 C "C2'"  . DT  B 2 6  ? -2.043  1.807   7.953   1.00 10.00 ? 18 DT  B "C2'"  1 
ATOM   546 C "C1'"  . DT  B 2 6  ? -1.895  0.362   7.437   1.00 10.00 ? 18 DT  B "C1'"  1 
ATOM   547 N N1     . DT  B 2 6  ? -2.443  0.020   6.093   1.00 10.00 ? 18 DT  B N1     1 
ATOM   548 C C2     . DT  B 2 6  ? -1.935  -1.112  5.431   1.00 10.00 ? 18 DT  B C2     1 
ATOM   549 O O2     . DT  B 2 6  ? -1.087  -1.862  5.904   1.00 10.00 ? 18 DT  B O2     1 
ATOM   550 N N3     . DT  B 2 6  ? -2.421  -1.363  4.161   1.00 10.00 ? 18 DT  B N3     1 
ATOM   551 C C4     . DT  B 2 6  ? -3.298  -0.552  3.471   1.00 10.00 ? 18 DT  B C4     1 
ATOM   552 O O4     . DT  B 2 6  ? -3.575  -0.821  2.306   1.00 10.00 ? 18 DT  B O4     1 
ATOM   553 C C5     . DT  B 2 6  ? -3.817  0.582   4.230   1.00 10.00 ? 18 DT  B C5     1 
ATOM   554 C C7     . DT  B 2 6  ? -4.826  1.528   3.604   1.00 10.00 ? 18 DT  B C7     1 
ATOM   555 C C6     . DT  B 2 6  ? -3.404  0.806   5.504   1.00 10.00 ? 18 DT  B C6     1 
ATOM   556 H "H5'"  . DT  B 2 6  ? -4.833  -0.816  9.573   1.00 10.00 ? 18 DT  B "H5'"  1 
ATOM   557 H "H5''" . DT  B 2 6  ? -4.775  0.720   10.460  1.00 10.00 ? 18 DT  B "H5''" 1 
ATOM   558 H "H4'"  . DT  B 2 6  ? -2.519  -0.292  10.361  1.00 10.00 ? 18 DT  B "H4'"  1 
ATOM   559 H "H3'"  . DT  B 2 6  ? -3.022  2.357   9.761   1.00 10.00 ? 18 DT  B "H3'"  1 
ATOM   560 H "H2'"  . DT  B 2 6  ? -2.813  2.425   7.514   1.00 10.00 ? 18 DT  B "H2'"  1 
ATOM   561 H "H2''" . DT  B 2 6  ? -1.117  2.349   7.857   1.00 10.00 ? 18 DT  B "H2''" 1 
ATOM   562 H "H1'"  . DT  B 2 6  ? -0.819  0.193   7.460   1.00 10.00 ? 18 DT  B "H1'"  1 
ATOM   563 H H3     . DT  B 2 6  ? -2.049  -2.175  3.679   1.00 10.00 ? 18 DT  B H3     1 
ATOM   564 H H71    . DT  B 2 6  ? -5.424  2.011   4.378   1.00 10.00 ? 18 DT  B H71    1 
ATOM   565 H H72    . DT  B 2 6  ? -4.300  2.289   3.027   1.00 10.00 ? 18 DT  B H72    1 
ATOM   566 H H73    . DT  B 2 6  ? -5.490  0.976   2.937   1.00 10.00 ? 18 DT  B H73    1 
ATOM   567 H H6     . DT  B 2 6  ? -3.846  1.594   6.097   1.00 10.00 ? 18 DT  B H6     1 
ATOM   568 P P      . DT  B 2 7  ? -0.883  1.717   11.644  1.00 10.00 ? 19 DT  B P      1 
ATOM   569 O OP1    . DT  B 2 7  ? -0.540  0.364   12.132  1.00 10.00 ? 19 DT  B OP1    1 
ATOM   570 O OP2    . DT  B 2 7  ? -2.038  2.445   12.207  1.00 10.00 ? 19 DT  B OP2    1 
ATOM   571 O "O5'"  . DT  B 2 7  ? 0.420   2.659   11.739  1.00 10.00 ? 19 DT  B "O5'"  1 
ATOM   572 C "C5'"  . DT  B 2 7  ? 0.393   4.000   11.273  1.00 10.00 ? 19 DT  B "C5'"  1 
ATOM   573 C "C4'"  . DT  B 2 7  ? 1.409   4.207   10.143  1.00 10.00 ? 19 DT  B "C4'"  1 
ATOM   574 O "O4'"  . DT  B 2 7  ? 1.075   3.601   8.917   1.00 10.00 ? 19 DT  B "O4'"  1 
ATOM   575 C "C3'"  . DT  B 2 7  ? 1.702   5.667   9.851   1.00 10.00 ? 19 DT  B "C3'"  1 
ATOM   576 O "O3'"  . DT  B 2 7  ? 2.732   6.098   10.739  1.00 10.00 ? 19 DT  B "O3'"  1 
ATOM   577 C "C2'"  . DT  B 2 7  ? 2.033   5.637   8.371   1.00 10.00 ? 19 DT  B "C2'"  1 
ATOM   578 C "C1'"  . DT  B 2 7  ? 1.988   4.169   8.004   1.00 10.00 ? 19 DT  B "C1'"  1 
ATOM   579 N N1     . DT  B 2 7  ? 1.558   4.060   6.613   1.00 10.00 ? 19 DT  B N1     1 
ATOM   580 C C2     . DT  B 2 7  ? 2.475   3.786   5.600   1.00 10.00 ? 19 DT  B C2     1 
ATOM   581 O O2     . DT  B 2 7  ? 3.557   3.248   5.798   1.00 10.00 ? 19 DT  B O2     1 
ATOM   582 N N3     . DT  B 2 7  ? 2.069   4.114   4.327   1.00 10.00 ? 19 DT  B N3     1 
ATOM   583 C C4     . DT  B 2 7  ? 0.858   4.707   4.006   1.00 10.00 ? 19 DT  B C4     1 
ATOM   584 O O4     . DT  B 2 7  ? 0.662   5.032   2.841   1.00 10.00 ? 19 DT  B O4     1 
ATOM   585 C C5     . DT  B 2 7  ? -0.103  4.802   5.114   1.00 10.00 ? 19 DT  B C5     1 
ATOM   586 C C7     . DT  B 2 7  ? -1.527  5.269   4.885   1.00 10.00 ? 19 DT  B C7     1 
ATOM   587 C C6     . DT  B 2 7  ? 0.269   4.409   6.361   1.00 10.00 ? 19 DT  B C6     1 
ATOM   588 H "H5'"  . DT  B 2 7  ? 0.658   4.655   12.105  1.00 10.00 ? 19 DT  B "H5'"  1 
ATOM   589 H "H5''" . DT  B 2 7  ? -0.603  4.271   10.920  1.00 10.00 ? 19 DT  B "H5''" 1 
ATOM   590 H "H4'"  . DT  B 2 7  ? 2.357   3.802   10.410  1.00 10.00 ? 19 DT  B "H4'"  1 
ATOM   591 H "H3'"  . DT  B 2 7  ? 0.787   6.213   9.969   1.00 10.00 ? 19 DT  B "H3'"  1 
ATOM   592 H "H2'"  . DT  B 2 7  ? 1.299   6.238   7.832   1.00 10.00 ? 19 DT  B "H2'"  1 
ATOM   593 H "H2''" . DT  B 2 7  ? 3.017   5.976   8.148   1.00 10.00 ? 19 DT  B "H2''" 1 
ATOM   594 H "H1'"  . DT  B 2 7  ? 2.972   3.763   8.136   1.00 10.00 ? 19 DT  B "H1'"  1 
ATOM   595 H H3     . DT  B 2 7  ? 2.672   3.775   3.586   1.00 10.00 ? 19 DT  B H3     1 
ATOM   596 H H71    . DT  B 2 7  ? -2.214  4.713   5.523   1.00 10.00 ? 19 DT  B H71    1 
ATOM   597 H H72    . DT  B 2 7  ? -1.600  6.332   5.116   1.00 10.00 ? 19 DT  B H72    1 
ATOM   598 H H73    . DT  B 2 7  ? -1.809  5.114   3.842   1.00 10.00 ? 19 DT  B H73    1 
ATOM   599 H H6     . DT  B 2 7  ? -0.337  4.322   7.262   1.00 10.00 ? 19 DT  B H6     1 
ATOM   600 P P      . DG  B 2 8  ? 3.739   7.344   10.472  1.00 10.00 ? 20 DG  B P      1 
ATOM   601 O OP1    . DG  B 2 8  ? 4.341   7.725   11.767  1.00 10.00 ? 20 DG  B OP1    1 
ATOM   602 O OP2    . DG  B 2 8  ? 3.052   8.351   9.638   1.00 10.00 ? 20 DG  B OP2    1 
ATOM   603 O "O5'"  . DG  B 2 8  ? 4.888   6.645   9.577   1.00 10.00 ? 20 DG  B "O5'"  1 
ATOM   604 C "C5'"  . DG  B 2 8  ? 5.516   5.453   10.015  1.00 10.00 ? 20 DG  B "C5'"  1 
ATOM   605 C "C4'"  . DG  B 2 8  ? 6.239   4.693   8.896   1.00 10.00 ? 20 DG  B "C4'"  1 
ATOM   606 O "O4'"  . DG  B 2 8  ? 5.454   4.639   7.718   1.00 10.00 ? 20 DG  B "O4'"  1 
ATOM   607 C "C3'"  . DG  B 2 8  ? 7.587   5.285   8.514   1.00 10.00 ? 20 DG  B "C3'"  1 
ATOM   608 O "O3'"  . DG  B 2 8  ? 8.497   4.200   8.413   1.00 10.00 ? 20 DG  B "O3'"  1 
ATOM   609 C "C2'"  . DG  B 2 8  ? 7.328   6.001   7.208   1.00 10.00 ? 20 DG  B "C2'"  1 
ATOM   610 C "C1'"  . DG  B 2 8  ? 6.203   5.169   6.631   1.00 10.00 ? 20 DG  B "C1'"  1 
ATOM   611 N N9     . DG  B 2 8  ? 5.316   6.003   5.799   1.00 10.00 ? 20 DG  B N9     1 
ATOM   612 C C8     . DG  B 2 8  ? 4.647   7.112   6.233   1.00 10.00 ? 20 DG  B C8     1 
ATOM   613 N N7     . DG  B 2 8  ? 3.873   7.661   5.341   1.00 10.00 ? 20 DG  B N7     1 
ATOM   614 C C5     . DG  B 2 8  ? 4.070   6.859   4.212   1.00 10.00 ? 20 DG  B C5     1 
ATOM   615 C C6     . DG  B 2 8  ? 3.506   6.946   2.897   1.00 10.00 ? 20 DG  B C6     1 
ATOM   616 O O6     . DG  B 2 8  ? 2.712   7.768   2.448   1.00 10.00 ? 20 DG  B O6     1 
ATOM   617 N N1     . DG  B 2 8  ? 3.948   5.953   2.044   1.00 10.00 ? 20 DG  B N1     1 
ATOM   618 C C2     . DG  B 2 8  ? 4.886   5.028   2.375   1.00 10.00 ? 20 DG  B C2     1 
ATOM   619 N N2     . DG  B 2 8  ? 5.299   4.250   1.401   1.00 10.00 ? 20 DG  B N2     1 
ATOM   620 N N3     . DG  B 2 8  ? 5.443   4.916   3.585   1.00 10.00 ? 20 DG  B N3     1 
ATOM   621 C C4     . DG  B 2 8  ? 4.980   5.853   4.472   1.00 10.00 ? 20 DG  B C4     1 
ATOM   622 H "H5'"  . DG  B 2 8  ? 4.753   4.782   10.407  1.00 10.00 ? 20 DG  B "H5'"  1 
ATOM   623 H "H5''" . DG  B 2 8  ? 6.218   5.692   10.817  1.00 10.00 ? 20 DG  B "H5''" 1 
ATOM   624 H "H4'"  . DG  B 2 8  ? 6.411   3.675   9.250   1.00 10.00 ? 20 DG  B "H4'"  1 
ATOM   625 H "H3'"  . DG  B 2 8  ? 7.898   6.020   9.237   1.00 10.00 ? 20 DG  B "H3'"  1 
ATOM   626 H "H2'"  . DG  B 2 8  ? 6.981   7.003   7.417   1.00 10.00 ? 20 DG  B "H2'"  1 
ATOM   627 H "H2''" . DG  B 2 8  ? 8.199   6.032   6.558   1.00 10.00 ? 20 DG  B "H2''" 1 
ATOM   628 H "H1'"  . DG  B 2 8  ? 6.675   4.380   6.077   1.00 10.00 ? 20 DG  B "H1'"  1 
ATOM   629 H H8     . DG  B 2 8  ? 4.784   7.455   7.252   1.00 10.00 ? 20 DG  B H8     1 
ATOM   630 H H1     . DG  B 2 8  ? 3.582   5.964   1.097   1.00 10.00 ? 20 DG  B H1     1 
ATOM   631 H H21    . DG  B 2 8  ? 4.858   4.264   0.474   1.00 10.00 ? 20 DG  B H21    1 
ATOM   632 H H22    . DG  B 2 8  ? 6.036   3.613   1.632   1.00 10.00 ? 20 DG  B H22    1 
ATOM   633 P P      . DA  B 2 9  ? 10.080  4.409   8.254   1.00 10.00 ? 21 DA  B P      1 
ATOM   634 O OP1    . DA  B 2 9  ? 10.751  3.152   8.649   1.00 10.00 ? 21 DA  B OP1    1 
ATOM   635 O OP2    . DA  B 2 9  ? 10.445  5.686   8.901   1.00 10.00 ? 21 DA  B OP2    1 
ATOM   636 O "O5'"  . DA  B 2 9  ? 10.214  4.585   6.659   1.00 10.00 ? 21 DA  B "O5'"  1 
ATOM   637 C "C5'"  . DA  B 2 9  ? 10.166  3.462   5.793   1.00 10.00 ? 21 DA  B "C5'"  1 
ATOM   638 C "C4'"  . DA  B 2 9  ? 10.443  3.834   4.331   1.00 10.00 ? 21 DA  B "C4'"  1 
ATOM   639 O "O4'"  . DA  B 2 9  ? 9.270   4.304   3.661   1.00 10.00 ? 21 DA  B "O4'"  1 
ATOM   640 C "C3'"  . DA  B 2 9  ? 11.534  4.905   4.181   1.00 10.00 ? 21 DA  B "C3'"  1 
ATOM   641 O "O3'"  . DA  B 2 9  ? 12.613  4.398   3.423   1.00 10.00 ? 21 DA  B "O3'"  1 
ATOM   642 C "C2'"  . DA  B 2 9  ? 10.758  6.033   3.540   1.00 10.00 ? 21 DA  B "C2'"  1 
ATOM   643 C "C1'"  . DA  B 2 9  ? 9.637   5.345   2.769   1.00 10.00 ? 21 DA  B "C1'"  1 
ATOM   644 N N9     . DA  B 2 9  ? 8.503   6.280   2.556   1.00 10.00 ? 21 DA  B N9     1 
ATOM   645 C C8     . DA  B 2 9  ? 7.989   7.164   3.469   1.00 10.00 ? 21 DA  B C8     1 
ATOM   646 N N7     . DA  B 2 9  ? 7.080   7.975   3.009   1.00 10.00 ? 21 DA  B N7     1 
ATOM   647 C C5     . DA  B 2 9  ? 6.944   7.552   1.683   1.00 10.00 ? 21 DA  B C5     1 
ATOM   648 C C6     . DA  B 2 9  ? 6.112   7.956   0.618   1.00 10.00 ? 21 DA  B C6     1 
ATOM   649 N N6     . DA  B 2 9  ? 5.217   8.921   0.734   1.00 10.00 ? 21 DA  B N6     1 
ATOM   650 N N1     . DA  B 2 9  ? 6.171   7.342   -0.568  1.00 10.00 ? 21 DA  B N1     1 
ATOM   651 C C2     . DA  B 2 9  ? 7.047   6.353   -0.706  1.00 10.00 ? 21 DA  B C2     1 
ATOM   652 N N3     . DA  B 2 9  ? 7.908   5.876   0.194   1.00 10.00 ? 21 DA  B N3     1 
ATOM   653 C C4     . DA  B 2 9  ? 7.797   6.517   1.393   1.00 10.00 ? 21 DA  B C4     1 
ATOM   654 H "H5'"  . DA  B 2 9  ? 9.191   2.979   5.868   1.00 10.00 ? 21 DA  B "H5'"  1 
ATOM   655 H "H5''" . DA  B 2 9  ? 10.930  2.752   6.110   1.00 10.00 ? 21 DA  B "H5''" 1 
ATOM   656 H "H4'"  . DA  B 2 9  ? 10.785  2.929   3.826   1.00 10.00 ? 21 DA  B "H4'"  1 
ATOM   657 H "H3'"  . DA  B 2 9  ? 11.901  5.276   5.130   1.00 10.00 ? 21 DA  B "H3'"  1 
ATOM   658 H "H2'"  . DA  B 2 9  ? 10.393  6.659   4.338   1.00 10.00 ? 21 DA  B "H2'"  1 
ATOM   659 H "H2''" . DA  B 2 9  ? 11.361  6.675   2.946   1.00 10.00 ? 21 DA  B "H2''" 1 
ATOM   660 H "H1'"  . DA  B 2 9  ? 10.021  4.952   1.815   1.00 10.00 ? 21 DA  B "H1'"  1 
ATOM   661 H H8     . DA  B 2 9  ? 8.346   7.182   4.486   1.00 10.00 ? 21 DA  B H8     1 
ATOM   662 H H61    . DA  B 2 9  ? 4.628   9.175   -0.059  1.00 10.00 ? 21 DA  B H61    1 
ATOM   663 H H62    . DA  B 2 9  ? 5.100   9.347   1.635   1.00 10.00 ? 21 DA  B H62    1 
ATOM   664 H H2     . DA  B 2 9  ? 7.073   5.889   -1.682  1.00 10.00 ? 21 DA  B H2     1 
ATOM   665 P P      . DC  B 2 10 ? 13.858  5.314   2.956   1.00 10.00 ? 22 DC  B P      1 
ATOM   666 O OP1    . DC  B 2 10 ? 15.067  4.470   2.880   1.00 10.00 ? 22 DC  B OP1    1 
ATOM   667 O OP2    . DC  B 2 10 ? 13.867  6.578   3.726   1.00 10.00 ? 22 DC  B OP2    1 
ATOM   668 O "O5'"  . DC  B 2 10 ? 13.364  5.631   1.463   1.00 10.00 ? 22 DC  B "O5'"  1 
ATOM   669 C "C5'"  . DC  B 2 10 ? 13.178  4.553   0.564   1.00 10.00 ? 22 DC  B "C5'"  1 
ATOM   670 C "C4'"  . DC  B 2 10 ? 12.547  4.982   -0.753  1.00 10.00 ? 22 DC  B "C4'"  1 
ATOM   671 O "O4'"  . DC  B 2 10 ? 11.269  5.580   -0.542  1.00 10.00 ? 22 DC  B "O4'"  1 
ATOM   672 C "C3'"  . DC  B 2 10 ? 13.412  5.982   -1.529  1.00 10.00 ? 22 DC  B "C3'"  1 
ATOM   673 O "O3'"  . DC  B 2 10 ? 13.771  5.378   -2.761  1.00 10.00 ? 22 DC  B "O3'"  1 
ATOM   674 C "C2'"  . DC  B 2 10 ? 12.542  7.210   -1.685  1.00 10.00 ? 22 DC  B "C2'"  1 
ATOM   675 C "C1'"  . DC  B 2 10 ? 11.140  6.716   -1.386  1.00 10.00 ? 22 DC  B "C1'"  1 
ATOM   676 N N1     . DC  B 2 10 ? 10.371  7.802   -0.763  1.00 10.00 ? 22 DC  B N1     1 
ATOM   677 C C2     . DC  B 2 10 ? 9.410   8.462   -1.525  1.00 10.00 ? 22 DC  B C2     1 
ATOM   678 O O2     . DC  B 2 10 ? 9.183   8.136   -2.686  1.00 10.00 ? 22 DC  B O2     1 
ATOM   679 N N3     . DC  B 2 10 ? 8.711   9.490   -0.996  1.00 10.00 ? 22 DC  B N3     1 
ATOM   680 C C4     . DC  B 2 10 ? 8.975   9.875   0.236   1.00 10.00 ? 22 DC  B C4     1 
ATOM   681 N N4     . DC  B 2 10 ? 8.196   10.822  0.691   1.00 10.00 ? 22 DC  B N4     1 
ATOM   682 C C5     . DC  B 2 10 ? 10.006  9.272   1.025   1.00 10.00 ? 22 DC  B C5     1 
ATOM   683 C C6     . DC  B 2 10 ? 10.692  8.240   0.485   1.00 10.00 ? 22 DC  B C6     1 
ATOM   684 H "H5'"  . DC  B 2 10 ? 12.525  3.808   1.018   1.00 10.00 ? 22 DC  B "H5'"  1 
ATOM   685 H "H5''" . DC  B 2 10 ? 14.143  4.086   0.363   1.00 10.00 ? 22 DC  B "H5''" 1 
ATOM   686 H "H4'"  . DC  B 2 10 ? 12.453  4.053   -1.329  1.00 10.00 ? 22 DC  B "H4'"  1 
ATOM   687 H "H3'"  . DC  B 2 10 ? 14.273  6.307   -0.948  1.00 10.00 ? 22 DC  B "H3'"  1 
ATOM   688 H "H2'"  . DC  B 2 10 ? 12.835  7.917   -0.908  1.00 10.00 ? 22 DC  B "H2'"  1 
ATOM   689 H "H2''" . DC  B 2 10 ? 12.615  7.649   -2.679  1.00 10.00 ? 22 DC  B "H2''" 1 
ATOM   690 H "H1'"  . DC  B 2 10 ? 10.626  6.476   -2.303  1.00 10.00 ? 22 DC  B "H1'"  1 
ATOM   691 H H41    . DC  B 2 10 ? 7.479   11.129  0.026   1.00 10.00 ? 22 DC  B H41    1 
ATOM   692 H H42    . DC  B 2 10 ? 8.262   11.144  1.634   1.00 10.00 ? 22 DC  B H42    1 
ATOM   693 H H5     . DC  B 2 10 ? 10.276  9.588   2.003   1.00 10.00 ? 22 DC  B H5     1 
ATOM   694 H H6     . DC  B 2 10 ? 11.520  7.740   0.980   1.00 10.00 ? 22 DC  B H6     1 
ATOM   695 P P      . DT  B 2 11 ? 15.034  5.874   -3.626  1.00 10.00 ? 23 DT  B P      1 
ATOM   696 O OP1    . DT  B 2 11 ? 15.471  4.750   -4.481  1.00 10.00 ? 23 DT  B OP1    1 
ATOM   697 O OP2    . DT  B 2 11 ? 15.998  6.534   -2.721  1.00 10.00 ? 23 DT  B OP2    1 
ATOM   698 O "O5'"  . DT  B 2 11 ? 14.394  7.003   -4.566  1.00 10.00 ? 23 DT  B "O5'"  1 
ATOM   699 C "C5'"  . DT  B 2 11 ? 13.669  6.667   -5.738  1.00 10.00 ? 23 DT  B "C5'"  1 
ATOM   700 C "C4'"  . DT  B 2 11 ? 13.319  7.941   -6.505  1.00 10.00 ? 23 DT  B "C4'"  1 
ATOM   701 O "O4'"  . DT  B 2 11 ? 12.323  8.659   -5.785  1.00 10.00 ? 23 DT  B "O4'"  1 
ATOM   702 C "C3'"  . DT  B 2 11 ? 14.554  8.790   -6.786  1.00 10.00 ? 23 DT  B "C3'"  1 
ATOM   703 O "O3'"  . DT  B 2 11 ? 14.691  8.958   -8.190  1.00 10.00 ? 23 DT  B "O3'"  1 
ATOM   704 C "C2'"  . DT  B 2 11 ? 14.140  10.097  -6.101  1.00 10.00 ? 23 DT  B "C2'"  1 
ATOM   705 C "C1'"  . DT  B 2 11 ? 12.626  10.035  -5.788  1.00 10.00 ? 23 DT  B "C1'"  1 
ATOM   706 N N1     . DT  B 2 11 ? 12.199  10.611  -4.485  1.00 10.00 ? 23 DT  B N1     1 
ATOM   707 C C2     . DT  B 2 11 ? 11.038  11.398  -4.457  1.00 10.00 ? 23 DT  B C2     1 
ATOM   708 O O2     . DT  B 2 11 ? 10.386  11.693  -5.454  1.00 10.00 ? 23 DT  B O2     1 
ATOM   709 N N3     . DT  B 2 11 ? 10.644  11.877  -3.228  1.00 10.00 ? 23 DT  B N3     1 
ATOM   710 C C4     . DT  B 2 11 ? 11.310  11.682  -2.036  1.00 10.00 ? 23 DT  B C4     1 
ATOM   711 O O4     . DT  B 2 11 ? 10.853  12.191  -1.017  1.00 10.00 ? 23 DT  B O4     1 
ATOM   712 C C5     . DT  B 2 11 ? 12.522  10.870  -2.138  1.00 10.00 ? 23 DT  B C5     1 
ATOM   713 C C7     . DT  B 2 11 ? 13.366  10.616  -0.903  1.00 10.00 ? 23 DT  B C7     1 
ATOM   714 C C6     . DT  B 2 11 ? 12.910  10.354  -3.338  1.00 10.00 ? 23 DT  B C6     1 
ATOM   715 H "H5'"  . DT  B 2 11 ? 12.757  6.135   -5.470  1.00 10.00 ? 23 DT  B "H5'"  1 
ATOM   716 H "H5''" . DT  B 2 11 ? 14.283  6.028   -6.375  1.00 10.00 ? 23 DT  B "H5''" 1 
ATOM   717 H "H4'"  . DT  B 2 11 ? 12.925  7.713   -7.483  1.00 10.00 ? 23 DT  B "H4'"  1 
ATOM   718 H "H3'"  . DT  B 2 11 ? 15.476  8.307   -6.385  1.00 10.00 ? 23 DT  B "H3'"  1 
ATOM   719 H "H2'"  . DT  B 2 11 ? 14.736  10.204  -5.198  1.00 10.00 ? 23 DT  B "H2'"  1 
ATOM   720 H "H2''" . DT  B 2 11 ? 14.302  10.912  -6.789  1.00 10.00 ? 23 DT  B "H2''" 1 
ATOM   721 H "H1'"  . DT  B 2 11 ? 12.033  10.559  -6.550  1.00 10.00 ? 23 DT  B "H1'"  1 
ATOM   722 H H3     . DT  B 2 11 ? 9.831   12.486  -3.222  1.00 10.00 ? 23 DT  B H3     1 
ATOM   723 H H71    . DT  B 2 11 ? 12.736  10.228  -0.102  1.00 10.00 ? 23 DT  B H71    1 
ATOM   724 H H72    . DT  B 2 11 ? 14.164  9.904   -1.117  1.00 10.00 ? 23 DT  B H72    1 
ATOM   725 H H73    . DT  B 2 11 ? 13.807  11.555  -0.571  1.00 10.00 ? 23 DT  B H73    1 
ATOM   726 H H6     . DT  B 2 11 ? 13.781  9.720   -3.442  1.00 10.00 ? 23 DT  B H6     1 
ATOM   727 P P      . DA  B 2 12 ? 16.016  9.607   -8.853  1.00 10.00 ? 24 DA  B P      1 
ATOM   728 O OP1    . DA  B 2 12 ? 16.140  9.081   -10.228 1.00 10.00 ? 24 DA  B OP1    1 
ATOM   729 O OP2    . DA  B 2 12 ? 17.137  9.465   -7.899  1.00 10.00 ? 24 DA  B OP2    1 
ATOM   730 O "O5'"  . DA  B 2 12 ? 15.638  11.167  -8.943  1.00 10.00 ? 24 DA  B "O5'"  1 
ATOM   731 C "C5'"  . DA  B 2 12 ? 14.778  11.648  -9.960  1.00 10.00 ? 24 DA  B "C5'"  1 
ATOM   732 C "C4'"  . DA  B 2 12 ? 14.339  13.083  -9.667  1.00 10.00 ? 24 DA  B "C4'"  1 
ATOM   733 O "O4'"  . DA  B 2 12 ? 13.556  13.126  -8.491  1.00 10.00 ? 24 DA  B "O4'"  1 
ATOM   734 C "C3'"  . DA  B 2 12 ? 15.501  14.058  -9.493  1.00 10.00 ? 24 DA  B "C3'"  1 
ATOM   735 O "O3'"  . DA  B 2 12 ? 15.852  14.673  -10.720 1.00 10.00 ? 24 DA  B "O3'"  1 
ATOM   736 C "C2'"  . DA  B 2 12 ? 14.917  15.087  -8.529  1.00 10.00 ? 24 DA  B "C2'"  1 
ATOM   737 C "C1'"  . DA  B 2 12 ? 13.721  14.383  -7.874  1.00 10.00 ? 24 DA  B "C1'"  1 
ATOM   738 N N9     . DA  B 2 12 ? 13.934  14.138  -6.441  1.00 10.00 ? 24 DA  B N9     1 
ATOM   739 C C8     . DA  B 2 12 ? 15.036  13.597  -5.852  1.00 10.00 ? 24 DA  B C8     1 
ATOM   740 N N7     . DA  B 2 12 ? 14.985  13.543  -4.547  1.00 10.00 ? 24 DA  B N7     1 
ATOM   741 C C5     . DA  B 2 12 ? 13.734  14.109  -4.264  1.00 10.00 ? 24 DA  B C5     1 
ATOM   742 C C6     . DA  B 2 12 ? 13.022  14.416  -3.083  1.00 10.00 ? 24 DA  B C6     1 
ATOM   743 N N6     . DA  B 2 12 ? 13.452  14.208  -1.848  1.00 10.00 ? 24 DA  B N6     1 
ATOM   744 N N1     . DA  B 2 12 ? 11.819  14.985  -3.155  1.00 10.00 ? 24 DA  B N1     1 
ATOM   745 C C2     . DA  B 2 12 ? 11.305  15.257  -4.350  1.00 10.00 ? 24 DA  B C2     1 
ATOM   746 N N3     . DA  B 2 12 ? 11.860  15.049  -5.536  1.00 10.00 ? 24 DA  B N3     1 
ATOM   747 C C4     . DA  B 2 12 ? 13.084  14.462  -5.419  1.00 10.00 ? 24 DA  B C4     1 
ATOM   748 H "H5'"  . DA  B 2 12 ? 13.894  11.012  -10.015 1.00 10.00 ? 24 DA  B "H5'"  1 
ATOM   749 H "H5''" . DA  B 2 12 ? 15.299  11.612  -10.919 1.00 10.00 ? 24 DA  B "H5''" 1 
ATOM   750 H "H4'"  . DA  B 2 12 ? 13.729  13.449  -10.483 1.00 10.00 ? 24 DA  B "H4'"  1 
ATOM   751 H "H3'"  . DA  B 2 12 ? 16.356  13.547  -9.050  1.00 10.00 ? 24 DA  B "H3'"  1 
ATOM   752 H "HO3'" . DA  B 2 12 ? 16.666  15.172  -10.605 1.00 10.00 ? 24 DA  B "HO3'" 1 
ATOM   753 H "H2'"  . DA  B 2 12 ? 15.668  15.385  -7.796  1.00 10.00 ? 24 DA  B "H2'"  1 
ATOM   754 H "H2''" . DA  B 2 12 ? 14.556  15.958  -9.078  1.00 10.00 ? 24 DA  B "H2''" 1 
ATOM   755 H "H1'"  . DA  B 2 12 ? 12.822  14.982  -7.988  1.00 10.00 ? 24 DA  B "H1'"  1 
ATOM   756 H H8     . DA  B 2 12 ? 15.845  13.279  -6.487  1.00 10.00 ? 24 DA  B H8     1 
ATOM   757 H H61    . DA  B 2 12 ? 12.832  14.466  -1.076  1.00 10.00 ? 24 DA  B H61    1 
ATOM   758 H H62    . DA  B 2 12 ? 14.358  13.797  -1.706  1.00 10.00 ? 24 DA  B H62    1 
ATOM   759 H H2     . DA  B 2 12 ? 10.326  15.716  -4.353  1.00 10.00 ? 24 DA  B H2     1 
HETATM 760 C C1     . BAP C 3 .  ? 2.216   0.053   6.384   1.00 10.00 ? 25 BAP A C1     1 
HETATM 761 C C2     . BAP C 3 .  ? 3.108   -1.026  6.262   1.00 10.00 ? 25 BAP A C2     1 
HETATM 762 C C3     . BAP C 3 .  ? 3.110   -1.801  5.089   1.00 10.00 ? 25 BAP A C3     1 
HETATM 763 C C3A    . BAP C 3 .  ? 2.233   -1.483  4.037   1.00 10.00 ? 25 BAP A C3A    1 
HETATM 764 C C4     . BAP C 3 .  ? 2.181   -2.266  2.881   1.00 10.00 ? 25 BAP A C4     1 
HETATM 765 C C5     . BAP C 3 .  ? 1.262   -1.944  1.890   1.00 10.00 ? 25 BAP A C5     1 
HETATM 766 C C5A    . BAP C 3 .  ? 0.388   -0.861  1.956   1.00 10.00 ? 25 BAP A C5A    1 
HETATM 767 C C6     . BAP C 3 .  ? -0.570  -0.628  0.930   1.00 10.00 ? 25 BAP A C6     1 
HETATM 768 C C7     . BAP C 3 .  ? -1.288  0.547   0.949   1.00 10.00 ? 25 BAP A C7     1 
HETATM 769 C C8     . BAP C 3 .  ? -1.194  1.398   2.081   1.00 10.00 ? 25 BAP A C8     1 
HETATM 770 C C8A    . BAP C 3 .  ? -0.376  1.060   3.174   1.00 10.00 ? 25 BAP A C8A    1 
HETATM 771 C C9     . BAP C 3 .  ? -0.431  1.765   4.382   1.00 10.00 ? 25 BAP A C9     1 
HETATM 772 C C10    . BAP C 3 .  ? 0.414   1.400   5.449   1.00 10.00 ? 25 BAP A C10    1 
HETATM 773 C C1A    . BAP C 3 .  ? 1.347   0.370   5.323   1.00 10.00 ? 25 BAP A C1A    1 
HETATM 774 C C3B    . BAP C 3 .  ? 1.364   -0.377  4.138   1.00 10.00 ? 25 BAP A C3B    1 
HETATM 775 C C5B    . BAP C 3 .  ? 0.479   -0.045  3.086   1.00 10.00 ? 25 BAP A C5B    1 
HETATM 776 C "C1'"  . BAP C 3 .  ? -2.245  0.897   -0.202  1.00 10.00 ? 25 BAP A "C1'"  1 
HETATM 777 O "O1'"  . BAP C 3 .  ? -3.579  0.749   0.251   1.00 10.00 ? 25 BAP A "O1'"  1 
HETATM 778 C "C2'"  . BAP C 3 .  ? -2.001  0.145   -1.523  1.00 10.00 ? 25 BAP A "C2'"  1 
HETATM 779 O "O2'"  . BAP C 3 .  ? -0.928  0.745   -2.233  1.00 10.00 ? 25 BAP A "O2'"  1 
HETATM 780 C "C3'"  . BAP C 3 .  ? -1.838  -1.357  -1.258  1.00 10.00 ? 25 BAP A "C3'"  1 
HETATM 781 O "O3'"  . BAP C 3 .  ? -1.544  -2.075  -2.455  1.00 10.00 ? 25 BAP A "O3'"  1 
HETATM 782 C "C4'"  . BAP C 3 .  ? -0.897  -1.745  -0.095  1.00 10.00 ? 25 BAP A "C4'"  1 
HETATM 783 H H1     . BAP C 3 .  ? 2.202   0.638   7.288   1.00 10.00 ? 25 BAP A H1     1 
HETATM 784 H H2     . BAP C 3 .  ? 3.774   -1.266  7.072   1.00 10.00 ? 25 BAP A H2     1 
HETATM 785 H H3     . BAP C 3 .  ? 3.773   -2.643  5.001   1.00 10.00 ? 25 BAP A H3     1 
HETATM 786 H H4     . BAP C 3 .  ? 2.789   -3.136  2.738   1.00 10.00 ? 25 BAP A H4     1 
HETATM 787 H H5     . BAP C 3 .  ? 1.203   -2.565  1.059   1.00 10.00 ? 25 BAP A H5     1 
HETATM 788 H H8     . BAP C 3 .  ? -1.818  2.273   2.139   1.00 10.00 ? 25 BAP A H8     1 
HETATM 789 H H9     . BAP C 3 .  ? -1.163  2.537   4.507   1.00 10.00 ? 25 BAP A H9     1 
HETATM 790 H H10    . BAP C 3 .  ? 0.353   1.891   6.392   1.00 10.00 ? 25 BAP A H10    1 
HETATM 791 H "H1'"  . BAP C 3 .  ? -2.050  1.928   -0.444  1.00 10.00 ? 25 BAP A "H1'"  1 
HETATM 792 H HO1    . BAP C 3 .  ? -3.587  0.110   1.003   1.00 10.00 ? 25 BAP A HO1    1 
HETATM 793 H "H2'"  . BAP C 3 .  ? -2.886  0.287   -2.145  1.00 10.00 ? 25 BAP A "H2'"  1 
HETATM 794 H HO2    . BAP C 3 .  ? -0.508  0.112   -2.867  1.00 10.00 ? 25 BAP A HO2    1 
HETATM 795 H "H3'"  . BAP C 3 .  ? -2.830  -1.702  -0.949  1.00 10.00 ? 25 BAP A "H3'"  1 
HETATM 796 H HO3    . BAP C 3 .  ? -0.812  -1.633  -3.003  1.00 10.00 ? 25 BAP A HO3    1 
HETATM 797 H "H4'2" . BAP C 3 .  ? 0.059   -2.053  -0.507  1.00 10.00 ? 25 BAP A "H4'2" 1 
# 
